data_1A6V
#
_entry.id   1A6V
#
_cell.length_a   71.760
_cell.length_b   86.190
_cell.length_c   111.511
_cell.angle_alpha   90.00
_cell.angle_beta   90.00
_cell.angle_gamma   90.00
#
_symmetry.space_group_name_H-M   'P 21 21 21'
#
loop_
_entity.id
_entity.type
_entity.pdbx_description
1 polymer 'B1-8 FV (LIGHT CHAIN)'
2 polymer 'B1-8 FV (HEAVY CHAIN)'
3 non-polymer '4-HYDROXY-3-NITROPHENYLACETYL-EPSILON-AMINOCAPROIC ACID ANION'
4 water water
#
loop_
_entity_poly.entity_id
_entity_poly.type
_entity_poly.pdbx_seq_one_letter_code
_entity_poly.pdbx_strand_id
1 'polypeptide(L)'
;QAVVTQESALTTSPGETVTLTCRSSTGAVTTSNYANWVQEKPDHLFTGLIGGTNNRAPGVPARFSGSLIGNKAALTITGA
QTEDEAIYFCALWYSNHWVFGGGTKLTVLE
;
L,M,N
2 'polypeptide(L)'
;QVQLQQPGAELVKPGASVKLSCKASGYTFTSYWMHWVKQRPGRGLEWIGRIDPNSGGTKYNEKFKSKATLTVDKPSSTAY
MQLSSLTSEDSAVYYCARYDYYGSSYFDYWGQGTTVTVSS
;
H,I,J
#
loop_
_chem_comp.id
_chem_comp.type
_chem_comp.name
_chem_comp.formula
NPC non-polymer '4-HYDROXY-3-NITROPHENYLACETYL-EPSILON-AMINOCAPROIC ACID ANION' 'C14 H17 N2 O6 -1'
#
# COMPACT_ATOMS: atom_id res chain seq x y z
N GLN A 1 31.94 29.43 -6.74
CA GLN A 1 33.18 29.09 -6.06
C GLN A 1 34.01 28.06 -6.83
N ALA A 2 33.44 26.91 -7.10
CA ALA A 2 34.12 25.84 -7.85
C ALA A 2 34.16 26.19 -9.33
N VAL A 3 35.13 25.56 -9.98
CA VAL A 3 35.46 25.69 -11.39
C VAL A 3 35.57 24.29 -11.97
N VAL A 4 34.92 24.13 -13.10
CA VAL A 4 34.87 22.87 -13.84
C VAL A 4 35.65 23.07 -15.12
N THR A 5 36.65 22.26 -15.31
CA THR A 5 37.55 22.27 -16.43
C THR A 5 37.46 21.09 -17.36
N GLN A 6 37.38 21.33 -18.65
CA GLN A 6 37.38 20.27 -19.67
C GLN A 6 38.41 20.63 -20.72
N GLU A 7 38.81 19.69 -21.57
CA GLU A 7 39.78 20.06 -22.61
C GLU A 7 39.08 21.06 -23.53
N SER A 8 39.77 22.05 -24.02
CA SER A 8 39.15 23.06 -24.87
C SER A 8 38.73 22.46 -26.19
N ALA A 9 39.57 21.60 -26.72
CA ALA A 9 39.26 21.00 -28.02
C ALA A 9 40.05 19.75 -28.24
N LEU A 10 39.40 18.78 -28.83
CA LEU A 10 40.06 17.48 -29.14
C LEU A 10 39.81 17.34 -30.63
N THR A 11 40.81 16.78 -31.27
CA THR A 11 40.74 16.55 -32.73
C THR A 11 40.82 15.04 -32.79
N THR A 12 40.02 14.52 -33.66
CA THR A 12 39.96 13.05 -33.83
C THR A 12 39.86 12.78 -35.32
N SER A 13 39.72 11.51 -35.57
CA SER A 13 39.59 11.01 -36.95
C SER A 13 38.54 9.92 -36.90
N PRO A 14 37.84 9.80 -38.00
CA PRO A 14 36.78 8.82 -38.18
C PRO A 14 37.31 7.41 -38.00
N GLY A 15 36.50 6.60 -37.35
CA GLY A 15 36.76 5.22 -37.05
C GLY A 15 37.71 4.97 -35.90
N GLU A 16 38.21 6.03 -35.29
CA GLU A 16 39.12 6.02 -34.16
C GLU A 16 38.29 6.15 -32.89
N THR A 17 38.88 6.18 -31.75
CA THR A 17 38.29 6.31 -30.43
C THR A 17 38.88 7.58 -29.77
N VAL A 18 38.00 8.21 -29.01
CA VAL A 18 38.41 9.47 -28.31
C VAL A 18 37.73 9.55 -26.94
N THR A 19 38.45 10.13 -26.00
CA THR A 19 37.96 10.32 -24.63
C THR A 19 38.06 11.79 -24.26
N LEU A 20 37.05 12.34 -23.66
CA LEU A 20 36.95 13.70 -23.16
C LEU A 20 36.83 13.57 -21.65
N THR A 21 37.38 14.42 -20.85
CA THR A 21 37.35 14.40 -19.39
C THR A 21 36.85 15.70 -18.77
N CYS A 22 36.37 15.65 -17.56
CA CYS A 22 35.79 16.75 -16.79
C CYS A 22 36.37 16.78 -15.38
N ARG A 23 37.08 17.79 -14.99
CA ARG A 23 37.76 18.09 -13.75
C ARG A 23 37.17 19.17 -12.87
N SER A 24 37.20 18.98 -11.57
CA SER A 24 36.74 19.84 -10.49
C SER A 24 37.81 20.49 -9.61
N SER A 25 37.62 21.74 -9.25
CA SER A 25 38.55 22.49 -8.40
C SER A 25 38.46 22.03 -6.94
N THR A 26 37.48 21.20 -6.65
CA THR A 26 37.19 20.69 -5.32
C THR A 26 38.13 19.58 -4.94
N GLY A 27 37.98 18.50 -5.65
CA GLY A 27 38.75 17.28 -5.46
C GLY A 27 38.27 16.36 -6.58
N ALA A 28 38.48 15.08 -6.32
CA ALA A 28 38.10 14.06 -7.27
C ALA A 28 36.61 14.20 -7.55
N VAL A 29 36.29 13.66 -8.73
CA VAL A 29 34.90 13.66 -9.15
C VAL A 29 34.56 12.18 -8.92
N THR A 30 33.38 12.02 -8.40
CA THR A 30 32.84 10.68 -8.12
C THR A 30 31.38 10.72 -8.49
N THR A 31 30.80 9.58 -8.45
CA THR A 31 29.39 9.27 -8.72
C THR A 31 28.46 10.25 -8.05
N SER A 32 28.87 10.89 -7.00
CA SER A 32 28.17 11.85 -6.18
C SER A 32 28.05 13.26 -6.75
N ASN A 33 28.84 13.57 -7.76
CA ASN A 33 28.82 14.95 -8.31
C ASN A 33 27.78 15.17 -9.36
N TYR A 34 27.34 14.03 -9.81
CA TYR A 34 26.34 13.77 -10.81
C TYR A 34 26.66 14.28 -12.19
N ALA A 35 27.76 13.79 -12.73
CA ALA A 35 28.31 14.09 -14.04
C ALA A 35 27.36 13.79 -15.19
N ASN A 36 27.08 14.85 -15.88
CA ASN A 36 26.18 14.90 -17.02
C ASN A 36 26.97 15.44 -18.23
N TRP A 37 26.86 14.82 -19.37
CA TRP A 37 27.56 15.29 -20.58
C TRP A 37 26.50 15.89 -21.50
N VAL A 38 26.63 17.11 -21.95
CA VAL A 38 25.65 17.72 -22.84
C VAL A 38 26.31 17.92 -24.20
N GLN A 39 25.51 17.63 -25.22
CA GLN A 39 25.98 17.79 -26.58
C GLN A 39 25.30 18.98 -27.26
N GLU A 40 26.16 19.84 -27.75
CA GLU A 40 25.72 21.00 -28.50
C GLU A 40 26.12 20.81 -29.96
N LYS A 41 25.15 20.84 -30.84
CA LYS A 41 25.43 20.72 -32.27
C LYS A 41 25.36 22.12 -32.86
N PRO A 42 26.13 22.33 -33.90
CA PRO A 42 26.17 23.61 -34.62
C PRO A 42 24.78 24.16 -34.80
N ASP A 43 24.72 25.41 -34.45
CA ASP A 43 23.71 26.43 -34.36
C ASP A 43 22.76 26.18 -33.17
N HIS A 44 23.32 26.43 -32.01
CA HIS A 44 22.87 26.41 -30.63
C HIS A 44 21.97 25.32 -30.11
N LEU A 45 22.02 24.12 -30.64
CA LEU A 45 21.25 22.93 -30.35
C LEU A 45 21.76 22.00 -29.27
N PHE A 46 21.02 21.73 -28.21
CA PHE A 46 21.52 20.84 -27.15
C PHE A 46 20.78 19.54 -26.97
N THR A 47 21.46 18.55 -26.42
CA THR A 47 20.86 17.22 -26.12
C THR A 47 21.77 16.49 -25.16
N GLY A 48 21.22 16.06 -24.03
CA GLY A 48 21.99 15.34 -23.01
C GLY A 48 22.42 14.02 -23.60
N LEU A 49 23.59 13.51 -23.29
CA LEU A 49 24.04 12.21 -23.84
C LEU A 49 24.10 11.12 -22.76
N ILE A 50 24.72 11.57 -21.71
CA ILE A 50 24.93 10.72 -20.52
C ILE A 50 24.37 11.56 -19.37
N GLY A 51 24.14 10.96 -18.24
CA GLY A 51 23.64 11.55 -16.99
C GLY A 51 23.91 10.45 -15.96
N GLY A 52 24.14 10.78 -14.72
CA GLY A 52 24.41 9.74 -13.72
C GLY A 52 25.69 9.02 -14.05
N THR A 53 26.68 9.77 -14.48
CA THR A 53 27.99 9.31 -14.85
C THR A 53 27.97 8.32 -16.01
N ASN A 54 27.24 7.25 -15.98
CA ASN A 54 27.22 6.23 -17.05
C ASN A 54 25.91 5.84 -17.70
N ASN A 55 24.84 6.57 -17.55
CA ASN A 55 23.52 6.34 -18.12
C ASN A 55 23.37 7.09 -19.45
N ARG A 56 23.29 6.36 -20.54
CA ARG A 56 23.13 6.96 -21.85
C ARG A 56 21.74 7.47 -22.06
N ALA A 57 21.59 8.56 -22.75
CA ALA A 57 20.26 9.15 -23.07
C ALA A 57 19.74 8.27 -24.20
N PRO A 58 18.47 8.01 -24.23
CA PRO A 58 17.88 7.12 -25.24
C PRO A 58 18.03 7.70 -26.63
N GLY A 59 18.37 6.80 -27.53
CA GLY A 59 18.57 7.15 -28.95
C GLY A 59 20.05 7.33 -29.29
N VAL A 60 20.78 7.94 -28.37
CA VAL A 60 22.22 8.19 -28.50
C VAL A 60 22.94 6.94 -28.98
N PRO A 61 23.70 7.05 -30.04
CA PRO A 61 24.44 5.93 -30.61
C PRO A 61 25.37 5.28 -29.65
N ALA A 62 25.27 3.97 -29.52
CA ALA A 62 26.03 3.11 -28.64
C ALA A 62 27.50 3.46 -28.56
N ARG A 63 28.06 4.05 -29.60
CA ARG A 63 29.49 4.40 -29.56
C ARG A 63 29.88 5.33 -28.42
N PHE A 64 28.93 5.91 -27.71
CA PHE A 64 29.13 6.84 -26.60
C PHE A 64 28.90 6.21 -25.23
N SER A 65 29.76 6.50 -24.28
CA SER A 65 29.69 6.04 -22.89
C SER A 65 30.49 6.89 -21.91
N GLY A 66 29.91 7.07 -20.74
CA GLY A 66 30.50 7.82 -19.63
C GLY A 66 31.07 6.79 -18.68
N SER A 67 31.76 7.30 -17.70
CA SER A 67 32.42 6.57 -16.62
C SER A 67 33.29 7.59 -15.90
N LEU A 68 34.08 7.06 -15.00
CA LEU A 68 35.03 7.89 -14.25
C LEU A 68 36.37 7.19 -14.55
N ILE A 69 37.33 8.05 -14.84
CA ILE A 69 38.70 7.64 -15.11
C ILE A 69 39.45 8.42 -14.02
N GLY A 70 39.71 7.75 -12.93
CA GLY A 70 40.44 8.39 -11.83
C GLY A 70 39.64 9.41 -11.07
N ASN A 71 40.22 10.60 -10.95
CA ASN A 71 39.59 11.71 -10.22
C ASN A 71 38.74 12.55 -11.16
N LYS A 72 38.46 12.05 -12.35
CA LYS A 72 37.69 12.84 -13.30
C LYS A 72 36.56 12.13 -13.95
N ALA A 73 35.57 12.86 -14.40
CA ALA A 73 34.39 12.39 -15.12
C ALA A 73 34.82 12.25 -16.59
N ALA A 74 34.33 11.25 -17.30
CA ALA A 74 34.72 11.05 -18.69
C ALA A 74 33.74 10.57 -19.72
N LEU A 75 33.90 11.02 -20.96
CA LEU A 75 33.12 10.61 -22.10
C LEU A 75 33.94 9.89 -23.18
N THR A 76 33.56 8.66 -23.50
CA THR A 76 34.21 7.88 -24.54
C THR A 76 33.36 7.66 -25.77
N ILE A 77 34.00 7.95 -26.90
CA ILE A 77 33.40 7.81 -28.23
C ILE A 77 34.21 6.77 -28.99
N THR A 78 33.59 5.75 -29.45
CA THR A 78 34.19 4.61 -30.19
C THR A 78 33.83 4.50 -31.65
N GLY A 79 34.76 4.85 -32.53
CA GLY A 79 34.55 4.81 -33.99
C GLY A 79 33.88 6.11 -34.40
N ALA A 80 34.35 7.18 -33.82
CA ALA A 80 33.83 8.52 -34.05
C ALA A 80 33.49 8.73 -35.51
N GLN A 81 32.22 9.05 -35.70
CA GLN A 81 31.63 9.31 -37.00
C GLN A 81 31.48 10.82 -37.14
N THR A 82 31.50 11.29 -38.35
CA THR A 82 31.39 12.70 -38.72
C THR A 82 30.21 13.34 -37.97
N GLU A 83 29.19 12.59 -37.66
CA GLU A 83 28.01 13.12 -37.01
C GLU A 83 28.26 13.43 -35.55
N ASP A 84 29.50 13.36 -35.16
CA ASP A 84 29.87 13.60 -33.76
C ASP A 84 30.59 14.93 -33.63
N GLU A 85 30.66 15.68 -34.71
CA GLU A 85 31.32 17.00 -34.61
C GLU A 85 30.38 17.80 -33.74
N ALA A 86 30.88 18.39 -32.68
CA ALA A 86 30.05 19.16 -31.74
C ALA A 86 30.84 19.65 -30.56
N ILE A 87 30.17 20.38 -29.68
CA ILE A 87 30.76 20.92 -28.44
C ILE A 87 30.20 20.09 -27.25
N TYR A 88 31.12 19.46 -26.55
CA TYR A 88 30.68 18.62 -25.43
C TYR A 88 30.85 19.31 -24.09
N PHE A 89 29.73 19.44 -23.41
CA PHE A 89 29.79 20.08 -22.08
C PHE A 89 29.63 18.97 -21.05
N CYS A 90 30.11 19.24 -19.89
CA CYS A 90 30.00 18.37 -18.73
C CYS A 90 29.45 19.31 -17.65
N ALA A 91 28.80 18.80 -16.62
CA ALA A 91 28.29 19.62 -15.53
C ALA A 91 28.34 18.68 -14.31
N LEU A 92 28.57 19.37 -13.24
CA LEU A 92 28.72 18.94 -11.87
C LEU A 92 27.93 19.82 -10.88
N TRP A 93 27.28 19.02 -10.06
CA TRP A 93 26.42 19.38 -8.94
C TRP A 93 27.29 19.38 -7.69
N TYR A 94 27.55 20.59 -7.25
CA TYR A 94 28.32 20.80 -6.03
C TYR A 94 27.30 21.46 -5.06
N SER A 95 27.13 20.72 -3.99
CA SER A 95 26.27 21.17 -2.90
C SER A 95 25.06 21.95 -3.38
N ASN A 96 25.11 23.27 -3.33
CA ASN A 96 24.01 24.16 -3.65
C ASN A 96 23.92 24.74 -5.04
N HIS A 97 24.54 24.08 -6.02
CA HIS A 97 24.47 24.60 -7.39
C HIS A 97 25.12 23.69 -8.41
N TRP A 98 24.75 23.85 -9.66
CA TRP A 98 25.34 23.09 -10.77
C TRP A 98 26.40 24.07 -11.31
N VAL A 99 27.50 23.57 -11.78
CA VAL A 99 28.58 24.30 -12.41
C VAL A 99 28.83 23.54 -13.73
N PHE A 100 28.89 24.35 -14.77
CA PHE A 100 29.17 23.74 -16.09
C PHE A 100 30.66 23.97 -16.38
N GLY A 101 31.18 23.02 -17.12
CA GLY A 101 32.54 23.06 -17.61
C GLY A 101 32.49 24.08 -18.78
N GLY A 102 33.67 24.45 -19.20
CA GLY A 102 33.88 25.34 -20.33
C GLY A 102 33.40 24.79 -21.63
N GLY A 103 33.45 23.50 -21.89
CA GLY A 103 33.02 22.84 -23.11
C GLY A 103 34.18 22.36 -23.96
N THR A 104 34.03 21.26 -24.63
CA THR A 104 35.04 20.68 -25.51
C THR A 104 34.57 20.60 -26.94
N LYS A 105 35.29 21.27 -27.83
CA LYS A 105 34.90 21.18 -29.24
C LYS A 105 35.51 19.84 -29.70
N LEU A 106 34.71 18.99 -30.28
CA LEU A 106 35.13 17.70 -30.79
C LEU A 106 34.99 17.81 -32.33
N THR A 107 36.19 17.92 -32.87
CA THR A 107 36.37 18.01 -34.31
C THR A 107 36.52 16.56 -34.80
N VAL A 108 35.43 16.03 -35.28
CA VAL A 108 35.44 14.65 -35.78
C VAL A 108 36.09 14.80 -37.16
N LEU A 109 36.92 13.86 -37.50
CA LEU A 109 37.62 13.92 -38.78
C LEU A 109 38.48 15.18 -38.85
N GLU A 110 39.69 15.07 -38.38
CA GLU A 110 40.65 16.19 -38.40
C GLU A 110 41.90 15.81 -39.20
N GLN B 1 8.63 11.50 -28.23
CA GLN B 1 8.52 12.92 -28.59
C GLN B 1 8.22 13.90 -27.45
N VAL B 2 9.22 14.12 -26.62
CA VAL B 2 9.14 15.09 -25.51
C VAL B 2 9.49 16.43 -26.16
N GLN B 3 9.05 17.55 -25.69
CA GLN B 3 9.30 18.87 -26.26
C GLN B 3 9.16 20.03 -25.27
N LEU B 4 10.09 20.95 -25.32
CA LEU B 4 10.18 22.16 -24.52
C LEU B 4 10.24 23.35 -25.48
N GLN B 5 9.18 24.10 -25.49
CA GLN B 5 9.00 25.26 -26.36
C GLN B 5 9.23 26.60 -25.68
N GLN B 6 10.16 27.31 -26.29
CA GLN B 6 10.58 28.63 -25.88
C GLN B 6 10.52 29.57 -27.08
N PRO B 7 10.01 30.77 -26.84
CA PRO B 7 9.91 31.78 -27.89
C PRO B 7 11.34 32.09 -28.30
N GLY B 8 11.65 32.44 -29.50
CA GLY B 8 12.92 32.73 -30.08
C GLY B 8 13.75 33.89 -29.57
N ALA B 9 13.11 35.03 -29.39
CA ALA B 9 13.86 36.20 -28.93
C ALA B 9 13.10 37.24 -28.16
N GLU B 10 13.92 38.21 -27.83
CA GLU B 10 13.64 39.44 -27.10
C GLU B 10 14.75 40.44 -27.53
N LEU B 11 14.23 41.62 -27.86
CA LEU B 11 15.02 42.77 -28.28
C LEU B 11 14.66 43.93 -27.38
N VAL B 12 15.41 44.23 -26.36
CA VAL B 12 14.99 45.39 -25.51
C VAL B 12 16.09 46.39 -25.18
N LYS B 13 15.71 47.63 -24.92
CA LYS B 13 16.60 48.73 -24.53
C LYS B 13 16.97 48.44 -23.08
N PRO B 14 18.15 48.92 -22.72
CA PRO B 14 18.69 48.68 -21.38
C PRO B 14 17.77 49.03 -20.25
N GLY B 15 17.94 48.34 -19.15
CA GLY B 15 17.20 48.42 -17.90
C GLY B 15 15.73 48.04 -18.07
N ALA B 16 15.50 47.07 -18.96
CA ALA B 16 14.14 46.62 -19.24
C ALA B 16 13.85 45.15 -19.00
N SER B 17 13.13 44.93 -17.91
CA SER B 17 12.68 43.62 -17.47
C SER B 17 11.90 42.84 -18.51
N VAL B 18 12.06 41.51 -18.42
CA VAL B 18 11.33 40.64 -19.36
C VAL B 18 11.00 39.32 -18.69
N LYS B 19 9.80 38.83 -18.99
CA LYS B 19 9.32 37.56 -18.44
C LYS B 19 9.59 36.52 -19.54
N LEU B 20 10.17 35.41 -19.16
CA LEU B 20 10.48 34.36 -20.17
C LEU B 20 9.64 33.13 -19.89
N SER B 21 9.16 32.47 -20.93
CA SER B 21 8.33 31.26 -20.75
C SER B 21 8.91 30.03 -21.41
N CYS B 22 8.50 28.87 -20.91
CA CYS B 22 8.99 27.59 -21.49
C CYS B 22 7.91 26.52 -21.42
N LYS B 23 7.32 26.13 -22.53
CA LYS B 23 6.24 25.13 -22.51
C LYS B 23 6.69 23.70 -22.66
N ALA B 24 6.12 22.83 -21.85
CA ALA B 24 6.43 21.39 -21.86
C ALA B 24 5.25 20.62 -22.40
N SER B 25 5.47 19.52 -23.08
CA SER B 25 4.48 18.66 -23.70
C SER B 25 5.08 17.31 -24.04
N GLY B 26 4.21 16.31 -24.16
CA GLY B 26 4.59 14.95 -24.46
C GLY B 26 4.99 14.09 -23.28
N TYR B 27 4.96 14.63 -22.09
CA TYR B 27 5.34 13.91 -20.88
C TYR B 27 4.57 14.53 -19.71
N THR B 28 4.78 14.11 -18.49
CA THR B 28 4.16 14.59 -17.26
C THR B 28 4.99 15.65 -16.55
N PHE B 29 4.57 16.89 -16.76
CA PHE B 29 5.14 18.13 -16.29
C PHE B 29 5.68 18.12 -14.86
N THR B 30 4.79 18.19 -13.90
CA THR B 30 5.09 18.22 -12.47
C THR B 30 5.98 17.10 -11.95
N SER B 31 6.26 16.08 -12.73
CA SER B 31 7.13 15.00 -12.33
C SER B 31 8.62 15.22 -12.55
N TYR B 32 9.02 16.32 -13.16
CA TYR B 32 10.40 16.68 -13.45
C TYR B 32 10.71 18.12 -13.08
N TRP B 33 12.01 18.33 -12.90
CA TRP B 33 12.51 19.68 -12.53
C TRP B 33 12.83 20.47 -13.78
N MET B 34 12.75 21.77 -13.60
CA MET B 34 12.99 22.85 -14.53
C MET B 34 14.10 23.78 -13.98
N HIS B 35 15.11 23.83 -14.82
CA HIS B 35 16.35 24.56 -14.68
C HIS B 35 16.50 25.60 -15.78
N TRP B 36 16.96 26.78 -15.46
CA TRP B 36 17.16 27.78 -16.51
C TRP B 36 18.68 27.97 -16.65
N VAL B 37 19.14 27.94 -17.90
CA VAL B 37 20.59 28.07 -18.13
C VAL B 37 20.84 29.25 -19.07
N LYS B 38 21.99 29.88 -18.94
CA LYS B 38 22.43 31.02 -19.74
C LYS B 38 23.67 30.62 -20.55
N GLN B 39 23.72 31.06 -21.78
CA GLN B 39 24.81 30.82 -22.73
C GLN B 39 25.26 32.16 -23.28
N ARG B 40 26.51 32.28 -23.63
CA ARG B 40 27.22 33.39 -24.20
C ARG B 40 28.71 33.06 -24.28
N PRO B 41 29.18 32.88 -25.49
CA PRO B 41 30.57 32.59 -25.83
C PRO B 41 31.59 33.02 -24.80
N GLY B 42 32.51 32.11 -24.61
CA GLY B 42 33.61 32.29 -23.65
C GLY B 42 33.74 30.97 -22.88
N ARG B 43 32.78 30.13 -23.07
CA ARG B 43 32.39 28.82 -22.61
C ARG B 43 30.84 28.96 -22.66
N GLY B 44 30.44 29.94 -21.85
CA GLY B 44 29.08 30.31 -21.74
C GLY B 44 28.03 29.63 -20.95
N LEU B 45 28.14 28.37 -20.54
CA LEU B 45 26.98 27.85 -19.77
C LEU B 45 27.02 28.11 -18.28
N GLU B 46 26.15 29.00 -17.81
CA GLU B 46 26.00 29.33 -16.40
C GLU B 46 24.55 28.96 -16.07
N TRP B 47 24.41 28.25 -14.97
CA TRP B 47 23.18 27.75 -14.39
C TRP B 47 22.49 28.91 -13.69
N ILE B 48 21.29 29.23 -14.10
CA ILE B 48 20.61 30.34 -13.44
C ILE B 48 19.97 29.81 -12.16
N GLY B 49 19.24 28.72 -12.33
CA GLY B 49 18.55 28.17 -11.14
C GLY B 49 17.53 27.12 -11.57
N ARG B 50 16.89 26.56 -10.56
CA ARG B 50 15.86 25.49 -10.70
C ARG B 50 14.54 25.90 -10.06
N ILE B 51 13.49 25.20 -10.44
CA ILE B 51 12.13 25.36 -9.95
C ILE B 51 11.43 24.00 -9.92
N ASP B 52 10.76 23.79 -8.79
CA ASP B 52 10.02 22.50 -8.58
C ASP B 52 8.54 22.79 -8.70
N PRO B 53 8.04 22.40 -9.86
CA PRO B 53 6.66 22.60 -10.23
C PRO B 53 5.67 22.44 -9.10
N ASN B 54 5.80 21.32 -8.42
CA ASN B 54 4.98 20.92 -7.29
C ASN B 54 4.93 21.99 -6.20
N SER B 55 6.09 22.14 -5.65
CA SER B 55 6.41 23.02 -4.57
C SER B 55 6.20 24.50 -4.79
N GLY B 56 6.72 24.93 -5.93
CA GLY B 56 6.74 26.35 -6.36
C GLY B 56 8.09 26.90 -5.88
N GLY B 57 8.76 26.04 -5.16
CA GLY B 57 10.04 26.18 -4.53
C GLY B 57 11.19 26.19 -5.51
N THR B 58 12.16 27.04 -5.22
CA THR B 58 13.34 27.25 -6.06
C THR B 58 14.63 27.30 -5.28
N LYS B 59 15.65 27.10 -6.06
CA LYS B 59 17.07 27.09 -5.76
C LYS B 59 17.73 27.92 -6.90
N TYR B 60 18.24 29.07 -6.56
CA TYR B 60 18.85 29.97 -7.53
C TYR B 60 20.36 30.09 -7.40
N ASN B 61 20.99 30.39 -8.53
CA ASN B 61 22.46 30.59 -8.50
C ASN B 61 22.57 31.89 -7.72
N GLU B 62 23.29 31.95 -6.61
CA GLU B 62 23.38 33.19 -5.81
C GLU B 62 23.79 34.44 -6.56
N LYS B 63 24.35 34.27 -7.73
CA LYS B 63 24.82 35.30 -8.63
C LYS B 63 23.61 36.00 -9.24
N PHE B 64 22.64 35.17 -9.55
CA PHE B 64 21.41 35.69 -10.18
C PHE B 64 20.27 35.99 -9.23
N LYS B 65 20.53 36.06 -7.93
CA LYS B 65 19.43 36.31 -6.99
C LYS B 65 18.64 37.57 -7.03
N SER B 66 19.33 38.71 -6.99
CA SER B 66 18.61 40.00 -7.02
C SER B 66 18.25 40.30 -8.46
N LYS B 67 18.15 39.32 -9.31
CA LYS B 67 17.87 39.38 -10.71
C LYS B 67 16.64 38.67 -11.24
N ALA B 68 16.74 37.36 -11.37
CA ALA B 68 15.81 36.39 -11.89
C ALA B 68 14.75 35.96 -10.88
N THR B 69 13.57 35.78 -11.41
CA THR B 69 12.40 35.35 -10.62
C THR B 69 11.79 34.15 -11.37
N LEU B 70 11.75 33.03 -10.66
CA LEU B 70 11.21 31.79 -11.19
C LEU B 70 9.80 31.58 -10.65
N THR B 71 8.94 31.11 -11.52
CA THR B 71 7.54 30.82 -11.29
C THR B 71 7.06 29.84 -12.37
N VAL B 72 5.93 29.24 -12.10
CA VAL B 72 5.33 28.30 -13.05
C VAL B 72 3.83 28.56 -13.06
N ASP B 73 3.28 27.91 -14.04
CA ASP B 73 1.83 27.87 -14.32
C ASP B 73 1.53 26.39 -14.52
N LYS B 74 1.10 25.71 -13.48
CA LYS B 74 0.76 24.28 -13.53
C LYS B 74 -0.21 23.85 -14.62
N PRO B 75 -1.27 24.58 -14.82
CA PRO B 75 -2.26 24.22 -15.82
C PRO B 75 -1.84 24.31 -17.26
N SER B 76 -0.98 25.27 -17.56
CA SER B 76 -0.51 25.45 -18.95
C SER B 76 0.78 24.69 -19.23
N SER B 77 1.31 24.11 -18.20
CA SER B 77 2.54 23.34 -18.19
C SER B 77 3.66 24.29 -18.63
N THR B 78 3.67 25.48 -18.06
CA THR B 78 4.66 26.50 -18.44
C THR B 78 5.50 27.06 -17.34
N ALA B 79 6.79 27.00 -17.55
CA ALA B 79 7.77 27.53 -16.62
C ALA B 79 8.15 28.97 -17.00
N TYR B 80 8.29 29.77 -15.99
CA TYR B 80 8.71 31.16 -16.21
C TYR B 80 10.01 31.51 -15.48
N MET B 81 10.56 32.62 -15.95
CA MET B 81 11.77 33.27 -15.47
C MET B 81 11.74 34.75 -15.87
N GLN B 82 11.65 35.58 -14.84
CA GLN B 82 11.66 37.05 -15.04
C GLN B 82 13.10 37.52 -14.84
N LEU B 83 13.42 38.65 -15.45
CA LEU B 83 14.78 39.25 -15.32
C LEU B 83 14.47 40.70 -15.02
N SER B 84 14.90 41.24 -13.88
CA SER B 84 14.58 42.63 -13.53
C SER B 84 15.20 43.75 -14.34
N SER B 85 16.38 44.23 -14.00
CA SER B 85 17.04 45.36 -14.67
C SER B 85 18.16 44.89 -15.57
N LEU B 86 17.80 44.61 -16.80
CA LEU B 86 18.73 44.17 -17.84
C LEU B 86 19.69 45.37 -17.96
N THR B 87 20.72 45.24 -17.18
CA THR B 87 21.79 46.25 -17.05
C THR B 87 22.43 46.36 -18.42
N SER B 88 22.59 45.24 -19.06
CA SER B 88 23.12 44.90 -20.34
C SER B 88 24.31 43.97 -20.29
N GLU B 89 24.11 42.83 -19.69
CA GLU B 89 25.23 41.87 -19.68
C GLU B 89 24.73 40.79 -20.63
N ASP B 90 23.54 40.47 -20.29
CA ASP B 90 22.36 39.68 -20.46
C ASP B 90 22.18 39.26 -21.89
N SER B 91 22.80 39.98 -22.79
CA SER B 91 22.72 39.62 -24.23
C SER B 91 23.29 38.20 -24.32
N ALA B 92 22.37 37.26 -24.20
CA ALA B 92 22.68 35.83 -24.19
C ALA B 92 21.45 34.99 -24.50
N VAL B 93 21.62 33.69 -24.50
CA VAL B 93 20.56 32.71 -24.77
C VAL B 93 20.16 32.21 -23.37
N TYR B 94 18.87 32.01 -23.31
CA TYR B 94 18.30 31.53 -22.04
C TYR B 94 17.58 30.24 -22.40
N TYR B 95 18.04 29.19 -21.78
CA TYR B 95 17.49 27.87 -22.01
C TYR B 95 16.64 27.31 -20.87
N CYS B 96 15.74 26.46 -21.26
CA CYS B 96 14.93 25.72 -20.28
C CYS B 96 15.35 24.29 -20.63
N ALA B 97 15.52 23.42 -19.67
CA ALA B 97 15.90 22.04 -19.92
C ALA B 97 15.29 21.11 -18.86
N ARG B 98 15.06 19.89 -19.28
CA ARG B 98 14.48 18.85 -18.43
C ARG B 98 15.47 18.17 -17.50
N TYR B 99 15.07 18.06 -16.23
CA TYR B 99 15.87 17.40 -15.23
C TYR B 99 15.07 16.53 -14.23
N ASP B 100 15.53 15.30 -14.26
CA ASP B 100 15.08 14.15 -13.50
C ASP B 100 15.50 14.12 -12.05
N TYR B 101 14.88 14.91 -11.21
CA TYR B 101 15.14 14.98 -9.78
C TYR B 101 14.91 13.59 -9.18
N TYR B 102 13.91 12.91 -9.71
CA TYR B 102 13.53 11.55 -9.33
C TYR B 102 14.06 10.52 -10.34
N GLY B 103 15.29 10.68 -10.80
CA GLY B 103 15.82 9.77 -11.79
C GLY B 103 17.12 9.32 -12.30
N SER B 104 17.33 9.40 -13.62
CA SER B 104 18.57 8.90 -14.22
C SER B 104 19.67 9.96 -14.28
N SER B 105 19.40 11.05 -13.68
CA SER B 105 20.12 12.28 -13.47
C SER B 105 20.74 12.91 -14.70
N TYR B 106 19.88 13.14 -15.68
CA TYR B 106 20.36 13.81 -16.90
C TYR B 106 19.41 14.92 -17.30
N PHE B 107 20.04 15.82 -18.03
CA PHE B 107 19.44 17.00 -18.66
C PHE B 107 19.17 16.44 -20.06
N ASP B 108 18.12 15.64 -20.22
CA ASP B 108 17.82 15.03 -21.51
C ASP B 108 17.26 15.98 -22.55
N TYR B 109 16.08 16.46 -22.28
CA TYR B 109 15.45 17.35 -23.26
C TYR B 109 15.74 18.81 -23.01
N TRP B 110 16.09 19.55 -24.02
CA TRP B 110 16.39 20.98 -23.94
C TRP B 110 15.42 21.80 -24.80
N GLY B 111 15.23 23.03 -24.38
CA GLY B 111 14.38 23.95 -25.12
C GLY B 111 15.23 24.59 -26.22
N GLN B 112 14.67 25.14 -27.25
CA GLN B 112 15.49 25.78 -28.31
C GLN B 112 16.25 27.06 -27.88
N GLY B 113 15.89 27.64 -26.77
CA GLY B 113 16.39 28.83 -26.16
C GLY B 113 15.72 30.12 -26.63
N THR B 114 15.61 31.06 -25.72
CA THR B 114 15.05 32.38 -25.94
C THR B 114 16.29 33.29 -25.92
N THR B 115 16.57 33.90 -27.05
CA THR B 115 17.70 34.82 -27.16
C THR B 115 17.28 36.17 -26.59
N VAL B 116 18.16 36.85 -25.92
CA VAL B 116 17.87 38.18 -25.37
C VAL B 116 19.03 39.09 -25.83
N THR B 117 18.70 40.03 -26.69
CA THR B 117 19.72 40.97 -27.24
C THR B 117 19.35 42.34 -26.70
N VAL B 118 20.12 42.90 -25.80
CA VAL B 118 19.81 44.23 -25.23
C VAL B 118 20.35 45.39 -26.08
N GLN C 1 11.28 6.54 12.29
CA GLN C 1 10.25 5.80 13.06
C GLN C 1 10.88 4.43 13.16
N ALA C 2 10.99 3.87 12.00
CA ALA C 2 11.55 2.61 11.51
C ALA C 2 11.67 3.09 10.07
N VAL C 3 12.79 2.82 9.49
CA VAL C 3 13.20 3.24 8.13
C VAL C 3 13.40 1.96 7.31
N VAL C 4 12.40 1.62 6.54
CA VAL C 4 12.34 0.43 5.70
C VAL C 4 13.21 0.64 4.48
N THR C 5 14.18 -0.24 4.30
CA THR C 5 15.07 -0.05 3.14
C THR C 5 14.94 -1.20 2.17
N GLN C 6 14.86 -0.83 0.91
CA GLN C 6 14.79 -1.82 -0.15
C GLN C 6 15.87 -1.51 -1.18
N GLU C 7 16.34 -2.48 -1.95
CA GLU C 7 17.31 -2.19 -3.01
C GLU C 7 16.73 -1.19 -3.99
N SER C 8 17.43 -0.13 -4.36
CA SER C 8 16.98 0.89 -5.31
C SER C 8 16.51 0.30 -6.62
N ALA C 9 17.38 -0.43 -7.27
CA ALA C 9 17.07 -1.08 -8.55
C ALA C 9 17.77 -2.42 -8.61
N LEU C 10 17.28 -3.25 -9.51
CA LEU C 10 17.72 -4.59 -9.83
C LEU C 10 17.28 -4.85 -11.28
N THR C 11 18.06 -5.73 -11.93
CA THR C 11 17.78 -6.04 -13.33
C THR C 11 18.16 -7.44 -13.70
N THR C 12 17.14 -8.25 -13.91
CA THR C 12 17.13 -9.67 -14.27
C THR C 12 16.69 -9.93 -15.71
N SER C 13 16.65 -11.18 -16.12
CA SER C 13 16.23 -11.59 -17.48
C SER C 13 15.24 -12.75 -17.38
N PRO C 14 14.40 -12.88 -18.41
CA PRO C 14 13.40 -13.93 -18.46
C PRO C 14 14.06 -15.22 -18.05
N GLY C 15 13.48 -15.92 -17.11
CA GLY C 15 14.02 -17.18 -16.62
C GLY C 15 14.92 -17.01 -15.44
N GLU C 16 15.55 -15.85 -15.28
CA GLU C 16 16.46 -15.64 -14.14
C GLU C 16 15.64 -15.39 -12.88
N THR C 17 16.00 -16.10 -11.83
CA THR C 17 15.43 -16.06 -10.49
C THR C 17 16.04 -14.86 -9.75
N VAL C 18 15.22 -14.07 -9.08
CA VAL C 18 15.63 -12.88 -8.32
C VAL C 18 14.95 -12.77 -6.95
N THR C 19 15.71 -12.19 -6.02
CA THR C 19 15.22 -11.96 -4.67
C THR C 19 15.33 -10.48 -4.32
N LEU C 20 14.26 -9.98 -3.76
CA LEU C 20 14.17 -8.57 -3.29
C LEU C 20 14.14 -8.59 -1.77
N THR C 21 14.75 -7.61 -1.12
CA THR C 21 14.73 -7.64 0.37
C THR C 21 14.14 -6.35 0.92
N CYS C 22 13.76 -6.42 2.15
CA CYS C 22 13.10 -5.43 2.99
C CYS C 22 13.66 -5.52 4.41
N ARG C 23 14.53 -4.55 4.71
CA ARG C 23 15.15 -4.52 6.02
C ARG C 23 14.58 -3.44 6.89
N SER C 24 14.51 -3.67 8.19
CA SER C 24 14.02 -2.68 9.16
C SER C 24 15.27 -2.06 9.81
N SER C 25 15.31 -0.76 9.93
CA SER C 25 16.37 0.05 10.49
C SER C 25 16.56 -0.15 11.99
N THR C 26 15.57 -0.84 12.55
CA THR C 26 15.48 -1.15 13.97
C THR C 26 15.64 -2.60 14.34
N GLY C 27 16.24 -3.42 13.48
CA GLY C 27 16.43 -4.84 13.81
C GLY C 27 15.72 -5.74 12.83
N ALA C 28 15.86 -7.03 13.01
CA ALA C 28 15.30 -8.07 12.17
C ALA C 28 13.79 -8.04 12.10
N VAL C 29 13.37 -8.27 10.88
CA VAL C 29 11.96 -8.36 10.55
C VAL C 29 11.51 -9.70 11.12
N THR C 30 10.34 -9.81 11.72
CA THR C 30 9.81 -11.07 12.25
C THR C 30 8.36 -11.13 11.86
N THR C 31 7.66 -12.20 12.05
CA THR C 31 6.25 -12.40 11.68
C THR C 31 5.41 -11.35 12.36
N SER C 32 5.86 -10.64 13.36
CA SER C 32 5.18 -9.60 14.09
C SER C 32 4.97 -8.36 13.24
N ASN C 33 5.67 -8.33 12.13
CA ASN C 33 5.70 -7.28 11.11
C ASN C 33 4.75 -7.54 9.94
N TYR C 34 4.21 -8.73 9.89
CA TYR C 34 3.23 -9.17 8.88
C TYR C 34 3.60 -8.55 7.53
N ALA C 35 4.82 -8.84 7.12
CA ALA C 35 5.37 -8.28 5.89
C ALA C 35 4.48 -8.46 4.67
N ASN C 36 4.36 -7.30 4.03
CA ASN C 36 3.58 -7.16 2.81
C ASN C 36 4.46 -6.75 1.64
N TRP C 37 4.09 -7.21 0.49
CA TRP C 37 4.73 -6.93 -0.79
C TRP C 37 3.61 -6.48 -1.70
N VAL C 38 3.79 -5.34 -2.33
CA VAL C 38 2.87 -4.75 -3.26
C VAL C 38 3.63 -4.34 -4.52
N GLN C 39 2.97 -4.56 -5.63
CA GLN C 39 3.51 -4.24 -6.96
C GLN C 39 2.85 -3.03 -7.53
N GLU C 40 3.63 -2.19 -8.20
CA GLU C 40 3.20 -0.97 -8.86
C GLU C 40 3.52 -1.13 -10.35
N LYS C 41 2.52 -1.28 -11.17
CA LYS C 41 2.74 -1.40 -12.61
C LYS C 41 2.36 -0.09 -13.31
N PRO C 42 3.03 0.12 -14.44
CA PRO C 42 2.86 1.28 -15.31
C PRO C 42 1.54 2.01 -15.14
N ASP C 43 1.72 3.24 -14.69
CA ASP C 43 0.74 4.26 -14.40
C ASP C 43 -0.06 3.87 -13.15
N HIS C 44 0.66 3.71 -12.09
CA HIS C 44 0.19 3.35 -10.77
C HIS C 44 -1.03 2.44 -10.68
N LEU C 45 -0.71 1.23 -11.01
CA LEU C 45 -1.65 0.09 -10.99
C LEU C 45 -1.01 -0.73 -9.88
N PHE C 46 -1.62 -0.69 -8.72
CA PHE C 46 -1.14 -1.39 -7.53
C PHE C 46 -1.92 -2.68 -7.25
N THR C 47 -1.15 -3.72 -7.02
CA THR C 47 -1.58 -5.08 -6.71
C THR C 47 -0.96 -5.63 -5.44
N GLY C 48 -1.67 -6.41 -4.65
CA GLY C 48 -1.12 -6.95 -3.39
C GLY C 48 -0.57 -8.33 -3.74
N LEU C 49 0.63 -8.65 -3.36
CA LEU C 49 1.19 -9.95 -3.69
C LEU C 49 1.30 -10.87 -2.50
N ILE C 50 1.87 -10.44 -1.42
CA ILE C 50 2.08 -11.28 -0.23
C ILE C 50 1.75 -10.44 0.97
N GLY C 51 1.20 -11.07 1.97
CA GLY C 51 0.84 -10.40 3.25
C GLY C 51 1.12 -11.40 4.38
N GLY C 52 1.24 -10.92 5.58
CA GLY C 52 1.52 -11.78 6.74
C GLY C 52 2.76 -12.62 6.50
N THR C 53 3.76 -12.05 5.88
CA THR C 53 5.06 -12.55 5.51
C THR C 53 5.13 -13.42 4.27
N ASN C 54 4.27 -14.41 4.21
CA ASN C 54 4.28 -15.39 3.12
C ASN C 54 2.92 -15.84 2.68
N ASN C 55 1.87 -15.12 2.98
CA ASN C 55 0.51 -15.54 2.57
C ASN C 55 0.27 -14.94 1.20
N ARG C 56 0.23 -15.80 0.20
CA ARG C 56 -0.01 -15.35 -1.18
C ARG C 56 -1.49 -14.97 -1.31
N ALA C 57 -1.64 -13.90 -2.05
CA ALA C 57 -2.91 -13.27 -2.38
C ALA C 57 -3.33 -14.06 -3.61
N PRO C 58 -4.55 -14.52 -3.64
CA PRO C 58 -5.03 -15.29 -4.81
C PRO C 58 -4.92 -14.45 -6.06
N GLY C 59 -4.62 -15.17 -7.13
CA GLY C 59 -4.44 -14.60 -8.48
C GLY C 59 -2.97 -14.35 -8.84
N VAL C 60 -2.12 -14.30 -7.84
CA VAL C 60 -0.69 -14.08 -8.10
C VAL C 60 -0.15 -15.45 -8.53
N PRO C 61 0.52 -15.48 -9.66
CA PRO C 61 1.16 -16.68 -10.18
C PRO C 61 2.16 -17.19 -9.19
N ALA C 62 2.02 -18.41 -8.71
CA ALA C 62 2.80 -19.09 -7.72
C ALA C 62 4.29 -18.89 -7.78
N ARG C 63 4.82 -18.25 -8.78
CA ARG C 63 6.23 -17.94 -8.94
C ARG C 63 6.72 -16.88 -7.97
N PHE C 64 5.86 -16.35 -7.14
CA PHE C 64 6.01 -15.35 -6.09
C PHE C 64 5.80 -16.01 -4.73
N SER C 65 6.79 -15.79 -3.88
CA SER C 65 6.77 -16.32 -2.52
C SER C 65 7.56 -15.38 -1.63
N GLY C 66 7.10 -15.20 -0.45
CA GLY C 66 7.63 -14.36 0.62
C GLY C 66 8.22 -15.31 1.63
N SER C 67 9.17 -14.80 2.38
CA SER C 67 9.89 -15.52 3.41
C SER C 67 10.71 -14.52 4.19
N LEU C 68 11.31 -15.08 5.20
CA LEU C 68 12.21 -14.38 6.10
C LEU C 68 13.55 -15.06 5.82
N ILE C 69 14.44 -14.25 5.28
CA ILE C 69 15.81 -14.66 4.94
C ILE C 69 16.61 -13.85 5.95
N GLY C 70 17.00 -14.56 6.97
CA GLY C 70 17.80 -14.07 8.08
C GLY C 70 17.07 -12.98 8.82
N ASN C 71 17.55 -11.76 8.69
CA ASN C 71 16.94 -10.62 9.39
C ASN C 71 16.03 -9.77 8.50
N LYS C 72 15.84 -10.21 7.26
CA LYS C 72 14.98 -9.48 6.33
C LYS C 72 13.87 -10.31 5.74
N ALA C 73 12.88 -9.56 5.30
CA ALA C 73 11.69 -10.10 4.60
C ALA C 73 12.16 -10.11 3.16
N ALA C 74 11.83 -11.09 2.38
CA ALA C 74 12.25 -11.25 1.00
C ALA C 74 11.11 -11.77 0.16
N LEU C 75 11.10 -11.34 -1.07
CA LEU C 75 10.17 -11.68 -2.12
C LEU C 75 11.00 -12.37 -3.21
N THR C 76 10.72 -13.63 -3.46
CA THR C 76 11.46 -14.35 -4.52
C THR C 76 10.57 -14.53 -5.73
N ILE C 77 11.17 -14.26 -6.86
CA ILE C 77 10.61 -14.39 -8.20
C ILE C 77 11.42 -15.44 -9.00
N THR C 78 10.99 -16.65 -8.89
CA THR C 78 11.53 -17.86 -9.53
C THR C 78 11.13 -17.93 -10.99
N GLY C 79 11.67 -17.09 -11.86
CA GLY C 79 11.41 -16.96 -13.27
C GLY C 79 10.94 -15.62 -13.79
N ALA C 80 11.45 -14.50 -13.35
CA ALA C 80 11.13 -13.14 -13.70
C ALA C 80 11.02 -12.80 -15.18
N GLN C 81 9.84 -12.48 -15.62
CA GLN C 81 9.49 -12.10 -17.00
C GLN C 81 9.39 -10.60 -17.12
N THR C 82 9.47 -10.07 -18.32
CA THR C 82 9.37 -8.62 -18.58
C THR C 82 7.99 -8.10 -18.18
N GLU C 83 7.12 -8.97 -17.80
CA GLU C 83 5.77 -8.78 -17.31
C GLU C 83 5.89 -8.53 -15.79
N ASP C 84 6.86 -9.18 -15.19
CA ASP C 84 7.15 -9.08 -13.76
C ASP C 84 7.89 -7.79 -13.44
N GLU C 85 8.05 -7.00 -14.45
CA GLU C 85 8.70 -5.68 -14.45
C GLU C 85 7.81 -4.58 -13.91
N ALA C 86 8.32 -3.96 -12.85
CA ALA C 86 7.66 -2.91 -12.08
C ALA C 86 8.47 -2.49 -10.85
N ILE C 87 7.82 -1.68 -10.03
CA ILE C 87 8.36 -1.19 -8.76
C ILE C 87 7.74 -2.12 -7.72
N TYR C 88 8.48 -2.58 -6.75
CA TYR C 88 8.01 -3.49 -5.74
C TYR C 88 8.27 -2.85 -4.40
N PHE C 89 7.24 -2.59 -3.64
CA PHE C 89 7.21 -2.01 -2.32
C PHE C 89 6.86 -3.07 -1.25
N CYS C 90 7.66 -3.02 -0.21
CA CYS C 90 7.42 -3.88 0.94
C CYS C 90 6.84 -2.90 1.97
N ALA C 91 6.05 -3.47 2.83
CA ALA C 91 5.32 -2.81 3.93
C ALA C 91 5.51 -3.62 5.20
N LEU C 92 5.92 -3.05 6.29
CA LEU C 92 6.12 -3.69 7.59
C LEU C 92 5.28 -3.06 8.73
N TRP C 93 4.66 -3.89 9.58
CA TRP C 93 3.83 -3.45 10.73
C TRP C 93 4.64 -3.20 11.99
N TYR C 94 4.54 -2.03 12.58
CA TYR C 94 5.26 -1.64 13.79
C TYR C 94 4.47 -1.34 15.05
N SER C 95 3.67 -2.31 15.46
CA SER C 95 2.82 -2.29 16.64
C SER C 95 1.70 -1.29 16.65
N ASN C 96 1.64 -0.39 15.68
CA ASN C 96 0.60 0.62 15.63
C ASN C 96 0.62 1.27 14.27
N HIS C 97 1.48 0.74 13.39
CA HIS C 97 1.55 1.37 12.07
C HIS C 97 2.31 0.59 11.03
N TRP C 98 2.08 1.02 9.81
CA TRP C 98 2.71 0.53 8.60
C TRP C 98 3.73 1.54 8.10
N VAL C 99 4.86 1.06 7.66
CA VAL C 99 5.95 1.81 7.06
C VAL C 99 6.26 1.03 5.76
N PHE C 100 6.34 1.72 4.64
CA PHE C 100 6.67 1.21 3.33
C PHE C 100 8.12 1.54 2.97
N GLY C 101 8.73 0.62 2.23
CA GLY C 101 10.10 0.87 1.77
C GLY C 101 9.98 1.75 0.51
N GLY C 102 11.11 2.32 0.13
CA GLY C 102 11.22 3.20 -1.02
C GLY C 102 10.93 2.61 -2.37
N GLY C 103 10.81 1.30 -2.39
CA GLY C 103 10.48 0.50 -3.57
C GLY C 103 11.73 0.10 -4.32
N THR C 104 11.60 -0.98 -5.04
CA THR C 104 12.64 -1.57 -5.88
C THR C 104 12.18 -1.67 -7.33
N LYS C 105 12.87 -0.96 -8.19
CA LYS C 105 12.59 -0.99 -9.63
C LYS C 105 13.29 -2.26 -10.11
N LEU C 106 12.53 -3.15 -10.72
CA LEU C 106 13.15 -4.39 -11.25
C LEU C 106 12.96 -4.17 -12.75
N THR C 107 14.06 -4.14 -13.45
CA THR C 107 14.08 -3.95 -14.91
C THR C 107 14.28 -5.34 -15.49
N VAL C 108 13.37 -5.85 -16.27
CA VAL C 108 13.52 -7.18 -16.89
C VAL C 108 13.90 -7.05 -18.37
N LEU C 109 15.19 -6.92 -18.54
CA LEU C 109 15.92 -6.77 -19.79
C LEU C 109 15.43 -7.65 -20.94
N GLN D 1 -15.83 -10.33 -6.64
CA GLN D 1 -15.23 -9.47 -7.69
C GLN D 1 -14.98 -8.07 -7.11
N VAL D 2 -14.11 -8.07 -6.12
CA VAL D 2 -13.70 -6.88 -5.37
C VAL D 2 -13.20 -5.81 -6.34
N GLN D 3 -13.75 -4.65 -6.07
CA GLN D 3 -13.48 -3.41 -6.82
C GLN D 3 -13.55 -2.31 -5.77
N LEU D 4 -12.56 -1.45 -5.82
CA LEU D 4 -12.42 -0.28 -4.93
C LEU D 4 -12.41 0.87 -5.95
N GLN D 5 -13.43 1.68 -5.85
CA GLN D 5 -13.62 2.77 -6.76
C GLN D 5 -13.31 4.15 -6.22
N GLN D 6 -12.39 4.81 -6.90
CA GLN D 6 -11.97 6.15 -6.54
C GLN D 6 -12.07 7.11 -7.73
N PRO D 7 -12.51 8.32 -7.47
CA PRO D 7 -12.61 9.37 -8.49
C PRO D 7 -11.24 9.73 -9.02
N GLY D 8 -11.11 10.23 -10.21
CA GLY D 8 -9.82 10.54 -10.79
C GLY D 8 -8.88 11.58 -10.27
N ALA D 9 -9.36 12.74 -9.90
CA ALA D 9 -8.49 13.82 -9.43
C ALA D 9 -9.22 15.00 -8.87
N GLU D 10 -8.49 15.79 -8.13
CA GLU D 10 -8.96 17.03 -7.50
C GLU D 10 -7.95 18.16 -7.78
N LEU D 11 -8.43 19.16 -8.49
CA LEU D 11 -7.57 20.33 -8.77
C LEU D 11 -8.04 21.38 -7.75
N VAL D 12 -7.27 21.58 -6.70
CA VAL D 12 -7.71 22.65 -5.76
C VAL D 12 -6.60 23.66 -5.51
N LYS D 13 -7.01 24.77 -4.98
CA LYS D 13 -6.29 25.97 -4.58
C LYS D 13 -5.62 25.70 -3.24
N PRO D 14 -4.59 26.48 -2.97
CA PRO D 14 -3.84 26.31 -1.76
C PRO D 14 -4.48 26.88 -0.51
N GLY D 15 -4.49 26.02 0.49
CA GLY D 15 -5.00 26.26 1.81
C GLY D 15 -6.41 25.77 1.98
N ALA D 16 -6.86 25.03 1.02
CA ALA D 16 -8.12 24.40 0.79
C ALA D 16 -8.21 22.98 1.31
N SER D 17 -9.42 22.49 1.28
CA SER D 17 -9.79 21.15 1.79
C SER D 17 -10.55 20.27 0.82
N VAL D 18 -10.34 18.97 0.91
CA VAL D 18 -10.95 17.95 0.06
C VAL D 18 -11.38 16.72 0.85
N LYS D 19 -12.24 15.93 0.22
CA LYS D 19 -12.76 14.68 0.81
C LYS D 19 -12.78 13.60 -0.27
N LEU D 20 -11.91 12.66 -0.14
CA LEU D 20 -11.72 11.52 -1.02
C LEU D 20 -12.61 10.34 -0.65
N SER D 21 -13.15 9.75 -1.72
CA SER D 21 -14.06 8.61 -1.64
C SER D 21 -13.53 7.33 -2.27
N CYS D 22 -13.89 6.24 -1.63
CA CYS D 22 -13.53 4.87 -1.97
C CYS D 22 -14.71 3.94 -1.81
N LYS D 23 -15.33 3.58 -2.92
CA LYS D 23 -16.50 2.70 -2.85
C LYS D 23 -16.20 1.24 -3.12
N ALA D 24 -16.45 0.40 -2.13
CA ALA D 24 -16.17 -1.05 -2.30
C ALA D 24 -17.28 -1.88 -2.91
N SER D 25 -16.95 -2.92 -3.66
CA SER D 25 -17.88 -3.86 -4.29
C SER D 25 -17.41 -5.27 -4.01
N GLY D 26 -18.19 -6.31 -4.27
CA GLY D 26 -17.91 -7.70 -4.08
C GLY D 26 -17.53 -8.34 -2.80
N TYR D 27 -17.73 -7.79 -1.62
CA TYR D 27 -17.36 -8.44 -0.35
C TYR D 27 -18.10 -7.80 0.83
N THR D 28 -17.99 -8.44 1.97
CA THR D 28 -18.62 -7.91 3.18
C THR D 28 -17.75 -6.75 3.64
N PHE D 29 -18.22 -5.59 3.28
CA PHE D 29 -17.57 -4.32 3.58
C PHE D 29 -17.04 -4.33 4.99
N THR D 30 -17.76 -4.95 5.92
CA THR D 30 -17.31 -5.01 7.30
C THR D 30 -16.37 -6.13 7.62
N SER D 31 -16.12 -7.13 6.80
CA SER D 31 -15.24 -8.25 7.05
C SER D 31 -13.79 -8.14 6.61
N TYR D 32 -13.36 -6.95 6.32
CA TYR D 32 -12.05 -6.55 5.87
C TYR D 32 -11.86 -5.08 6.32
N TRP D 33 -10.62 -4.69 6.39
CA TRP D 33 -10.19 -3.35 6.81
C TRP D 33 -9.93 -2.39 5.68
N MET D 34 -9.95 -1.10 5.97
CA MET D 34 -9.68 -0.05 4.97
C MET D 34 -8.60 0.95 5.39
N HIS D 35 -7.60 1.03 4.55
CA HIS D 35 -6.44 1.91 4.65
C HIS D 35 -6.34 2.94 3.53
N TRP D 36 -5.59 3.96 3.86
CA TRP D 36 -5.30 5.07 2.94
C TRP D 36 -3.79 5.22 2.78
N VAL D 37 -3.34 5.36 1.54
CA VAL D 37 -1.93 5.45 1.22
C VAL D 37 -1.64 6.63 0.30
N LYS D 38 -0.57 7.34 0.60
CA LYS D 38 -0.17 8.53 -0.21
C LYS D 38 1.11 8.31 -0.99
N GLN D 39 1.12 8.81 -2.22
CA GLN D 39 2.27 8.69 -3.11
C GLN D 39 2.58 9.96 -3.92
N ARG D 40 3.82 10.41 -3.71
CA ARG D 40 4.32 11.57 -4.41
C ARG D 40 5.42 11.10 -5.38
N PRO D 41 5.61 11.90 -6.41
CA PRO D 41 6.62 11.66 -7.44
C PRO D 41 7.93 11.28 -6.80
N GLY D 42 8.50 10.22 -7.36
CA GLY D 42 9.77 9.70 -6.91
C GLY D 42 9.77 8.78 -5.72
N ARG D 43 10.13 9.29 -4.57
CA ARG D 43 10.25 8.54 -3.32
C ARG D 43 9.45 7.24 -3.25
N GLY D 44 8.24 7.34 -2.73
CA GLY D 44 7.35 6.19 -2.57
C GLY D 44 6.11 6.51 -1.75
N LEU D 45 5.68 5.45 -1.05
CA LEU D 45 4.49 5.44 -0.22
C LEU D 45 4.60 5.76 1.25
N GLU D 46 3.51 6.33 1.71
CA GLU D 46 3.24 6.81 3.05
C GLU D 46 1.79 6.50 3.46
N TRP D 47 1.77 5.72 4.50
CA TRP D 47 0.53 5.25 5.14
C TRP D 47 -0.14 6.34 5.95
N ILE D 48 -1.37 6.62 5.61
CA ILE D 48 -2.13 7.65 6.34
C ILE D 48 -2.84 7.09 7.56
N GLY D 49 -3.65 6.10 7.44
CA GLY D 49 -4.46 5.49 8.49
C GLY D 49 -5.33 4.32 8.05
N ARG D 50 -5.98 3.64 8.98
CA ARG D 50 -6.84 2.48 8.77
C ARG D 50 -8.25 2.63 9.38
N ILE D 51 -9.16 1.77 8.93
CA ILE D 51 -10.52 1.70 9.42
C ILE D 51 -11.12 0.30 9.34
N ASP D 52 -11.87 -0.03 10.38
CA ASP D 52 -12.63 -1.26 10.61
C ASP D 52 -14.08 -0.85 10.33
N PRO D 53 -14.54 -1.25 9.17
CA PRO D 53 -15.88 -0.96 8.71
C PRO D 53 -16.97 -1.51 9.61
N ASN D 54 -16.67 -2.53 10.35
CA ASN D 54 -17.54 -3.22 11.28
C ASN D 54 -17.98 -2.47 12.54
N SER D 55 -16.99 -1.78 13.08
CA SER D 55 -17.24 -1.04 14.33
C SER D 55 -16.88 0.43 14.25
N GLY D 56 -16.19 0.82 13.19
CA GLY D 56 -15.74 2.20 12.99
C GLY D 56 -14.32 2.35 13.49
N GLY D 57 -13.70 1.29 13.95
CA GLY D 57 -12.36 1.24 14.45
C GLY D 57 -11.25 1.69 13.51
N THR D 58 -10.54 2.73 13.88
CA THR D 58 -9.48 3.40 13.18
C THR D 58 -8.18 3.65 13.90
N LYS D 59 -7.12 3.39 13.16
CA LYS D 59 -5.73 3.58 13.60
C LYS D 59 -5.04 4.47 12.59
N TYR D 60 -4.29 5.49 13.03
CA TYR D 60 -3.60 6.42 12.15
C TYR D 60 -2.08 6.46 12.27
N ASN D 61 -1.50 7.30 11.41
CA ASN D 61 -0.08 7.59 11.37
C ASN D 61 0.01 8.92 12.14
N GLU D 62 0.87 8.99 13.12
CA GLU D 62 1.03 10.22 13.90
C GLU D 62 1.04 11.45 13.01
N LYS D 63 1.92 11.41 12.03
CA LYS D 63 2.14 12.43 11.05
C LYS D 63 0.95 12.99 10.30
N PHE D 64 -0.15 12.28 10.25
CA PHE D 64 -1.36 12.69 9.55
C PHE D 64 -2.59 12.93 10.41
N LYS D 65 -2.54 12.43 11.61
CA LYS D 65 -3.65 12.57 12.60
C LYS D 65 -3.60 13.98 13.14
N SER D 66 -4.11 14.86 12.30
CA SER D 66 -4.21 16.30 12.46
C SER D 66 -4.48 17.01 11.15
N LYS D 67 -4.43 16.24 10.07
CA LYS D 67 -4.63 16.74 8.71
C LYS D 67 -5.59 15.88 7.92
N ALA D 68 -5.88 14.68 8.40
CA ALA D 68 -6.76 13.69 7.80
C ALA D 68 -7.75 13.05 8.78
N THR D 69 -8.87 12.62 8.26
CA THR D 69 -9.95 11.96 8.99
C THR D 69 -10.60 10.84 8.16
N LEU D 70 -10.69 9.67 8.71
CA LEU D 70 -11.29 8.47 8.11
C LEU D 70 -12.64 8.15 8.79
N THR D 71 -13.53 7.71 7.94
CA THR D 71 -14.88 7.30 8.16
C THR D 71 -15.30 6.33 7.06
N VAL D 72 -16.46 5.77 7.31
CA VAL D 72 -17.14 4.84 6.42
C VAL D 72 -18.62 5.20 6.54
N ASP D 73 -19.31 4.68 5.59
CA ASP D 73 -20.79 4.81 5.48
C ASP D 73 -21.16 3.38 5.11
N LYS D 74 -21.51 2.54 6.03
CA LYS D 74 -21.83 1.15 5.71
C LYS D 74 -22.94 0.90 4.74
N PRO D 75 -24.04 1.57 4.79
CA PRO D 75 -25.16 1.31 3.90
C PRO D 75 -24.82 1.38 2.43
N SER D 76 -23.96 2.30 2.08
CA SER D 76 -23.42 2.58 0.76
C SER D 76 -22.02 1.98 0.60
N SER D 77 -21.58 1.27 1.60
CA SER D 77 -20.29 0.62 1.64
C SER D 77 -19.17 1.56 1.14
N THR D 78 -19.11 2.74 1.75
CA THR D 78 -18.12 3.74 1.34
C THR D 78 -17.24 4.28 2.45
N ALA D 79 -15.96 4.25 2.12
CA ALA D 79 -14.87 4.73 2.95
C ALA D 79 -14.45 6.11 2.47
N TYR D 80 -14.36 7.07 3.41
CA TYR D 80 -13.96 8.44 3.09
C TYR D 80 -12.65 8.94 3.69
N MET D 81 -12.10 10.06 3.26
CA MET D 81 -10.88 10.68 3.79
C MET D 81 -10.88 12.19 3.56
N GLN D 82 -10.81 12.96 4.63
CA GLN D 82 -10.83 14.42 4.60
C GLN D 82 -9.48 15.04 4.91
N LEU D 83 -8.90 15.76 3.96
CA LEU D 83 -7.63 16.44 4.08
C LEU D 83 -7.74 17.94 4.22
N SER D 84 -7.30 18.44 5.36
CA SER D 84 -7.31 19.83 5.76
C SER D 84 -6.13 20.67 5.31
N SER D 85 -6.35 21.94 5.13
CA SER D 85 -5.40 22.95 4.74
C SER D 85 -4.32 22.54 3.76
N LEU D 86 -4.71 21.95 2.65
CA LEU D 86 -3.86 21.44 1.57
C LEU D 86 -2.72 22.37 1.23
N THR D 87 -1.57 21.75 1.08
CA THR D 87 -0.28 22.37 0.78
C THR D 87 0.24 21.85 -0.55
N SER D 88 1.42 22.34 -0.94
CA SER D 88 2.05 21.93 -2.21
C SER D 88 2.58 20.53 -2.01
N GLU D 89 2.78 20.25 -0.78
CA GLU D 89 3.27 19.03 -0.15
C GLU D 89 2.12 18.04 0.01
N ASP D 90 0.95 18.45 -0.46
CA ASP D 90 -0.18 17.48 -0.39
C ASP D 90 -0.46 17.02 -1.81
N SER D 91 0.11 17.68 -2.77
CA SER D 91 -0.04 17.27 -4.18
C SER D 91 0.60 15.90 -4.26
N ALA D 92 -0.20 14.87 -4.49
CA ALA D 92 0.17 13.48 -4.54
C ALA D 92 -0.96 12.61 -5.09
N VAL D 93 -0.75 11.32 -5.12
CA VAL D 93 -1.80 10.38 -5.56
C VAL D 93 -2.23 9.62 -4.29
N TYR D 94 -3.52 9.56 -4.04
CA TYR D 94 -4.07 8.91 -2.84
C TYR D 94 -4.87 7.65 -3.09
N TYR D 95 -4.50 6.53 -2.50
CA TYR D 95 -5.13 5.22 -2.65
C TYR D 95 -5.85 4.74 -1.39
N CYS D 96 -6.89 3.98 -1.69
CA CYS D 96 -7.64 3.36 -0.60
C CYS D 96 -7.23 1.92 -0.89
N ALA D 97 -6.97 1.21 0.18
CA ALA D 97 -6.52 -0.18 0.07
C ALA D 97 -7.23 -1.03 1.12
N ARG D 98 -7.62 -2.22 0.67
CA ARG D 98 -8.30 -3.16 1.58
C ARG D 98 -7.30 -4.10 2.22
N TYR D 99 -7.56 -4.38 3.48
CA TYR D 99 -6.76 -5.26 4.31
C TYR D 99 -7.55 -6.45 4.89
N ASP D 100 -6.87 -7.55 4.90
CA ASP D 100 -7.35 -8.83 5.45
C ASP D 100 -6.88 -8.99 6.88
N TYR D 101 -7.37 -8.18 7.78
CA TYR D 101 -7.03 -8.17 9.20
C TYR D 101 -7.53 -9.42 9.93
N TYR D 102 -8.68 -9.79 9.43
CA TYR D 102 -9.38 -10.97 9.96
C TYR D 102 -8.85 -12.22 9.32
N GLY D 103 -7.98 -12.03 8.32
CA GLY D 103 -7.42 -13.20 7.63
C GLY D 103 -5.93 -12.99 7.52
N SER D 104 -5.40 -13.33 6.37
CA SER D 104 -4.01 -13.27 5.93
C SER D 104 -3.20 -12.02 6.19
N SER D 105 -3.78 -10.89 6.51
CA SER D 105 -3.06 -9.68 6.83
C SER D 105 -2.36 -9.08 5.61
N TYR D 106 -3.07 -8.93 4.52
CA TYR D 106 -2.50 -8.32 3.32
C TYR D 106 -3.39 -7.17 2.87
N PHE D 107 -2.72 -6.31 2.12
CA PHE D 107 -3.30 -5.14 1.46
C PHE D 107 -3.46 -5.72 0.03
N ASP D 108 -4.54 -6.45 -0.16
CA ASP D 108 -4.84 -7.11 -1.42
C ASP D 108 -5.43 -6.30 -2.53
N TYR D 109 -6.44 -5.51 -2.22
CA TYR D 109 -7.09 -4.75 -3.30
C TYR D 109 -6.88 -3.28 -3.04
N TRP D 110 -6.63 -2.56 -4.11
CA TRP D 110 -6.36 -1.12 -4.14
C TRP D 110 -7.13 -0.38 -5.22
N GLY D 111 -7.55 0.80 -4.88
CA GLY D 111 -8.25 1.67 -5.83
C GLY D 111 -7.17 2.26 -6.77
N GLN D 112 -7.64 2.84 -7.86
CA GLN D 112 -6.73 3.45 -8.85
C GLN D 112 -6.12 4.77 -8.41
N GLY D 113 -6.60 5.33 -7.32
CA GLY D 113 -6.02 6.58 -6.82
C GLY D 113 -6.60 7.86 -7.38
N THR D 114 -6.56 8.83 -6.49
CA THR D 114 -7.04 10.18 -6.78
C THR D 114 -5.79 11.05 -6.80
N THR D 115 -5.47 11.69 -7.89
CA THR D 115 -4.33 12.59 -8.11
C THR D 115 -4.75 13.97 -7.63
N VAL D 116 -4.31 14.41 -6.49
CA VAL D 116 -4.63 15.73 -5.92
C VAL D 116 -3.47 16.71 -6.29
N THR D 117 -3.85 17.80 -6.91
CA THR D 117 -2.99 18.87 -7.36
C THR D 117 -3.42 20.20 -6.73
N VAL D 118 -2.42 20.79 -6.08
CA VAL D 118 -2.60 22.10 -5.42
C VAL D 118 -1.84 23.10 -6.28
N SER D 119 -2.63 24.06 -6.77
CA SER D 119 -2.16 25.14 -7.62
C SER D 119 -2.84 26.45 -7.23
N GLN E 1 -13.89 -16.04 29.92
CA GLN E 1 -13.93 -16.32 31.36
C GLN E 1 -12.79 -17.24 31.72
N ALA E 2 -12.27 -17.88 30.69
CA ALA E 2 -11.15 -18.81 30.77
C ALA E 2 -10.81 -19.15 29.33
N VAL E 3 -9.67 -18.60 28.90
CA VAL E 3 -9.18 -18.80 27.53
C VAL E 3 -9.09 -20.23 27.04
N VAL E 4 -9.87 -20.49 26.01
CA VAL E 4 -10.00 -21.76 25.28
C VAL E 4 -9.22 -21.55 24.00
N THR E 5 -8.30 -22.47 23.80
CA THR E 5 -7.43 -22.33 22.63
C THR E 5 -7.48 -23.47 21.68
N GLN E 6 -7.65 -23.06 20.43
CA GLN E 6 -7.69 -24.00 19.33
C GLN E 6 -6.65 -23.68 18.28
N GLU E 7 -6.17 -24.63 17.53
CA GLU E 7 -5.21 -24.37 16.45
C GLU E 7 -5.81 -23.36 15.49
N SER E 8 -5.00 -22.54 14.88
CA SER E 8 -5.54 -21.50 13.98
C SER E 8 -6.02 -22.05 12.65
N ALA E 9 -5.18 -22.95 12.15
CA ALA E 9 -5.41 -23.58 10.85
C ALA E 9 -4.76 -24.94 10.77
N LEU E 10 -5.32 -25.70 9.86
CA LEU E 10 -4.88 -27.06 9.52
C LEU E 10 -5.09 -27.22 8.03
N THR E 11 -4.35 -28.18 7.49
CA THR E 11 -4.49 -28.50 6.05
C THR E 11 -4.37 -30.01 5.89
N THR E 12 -5.48 -30.64 5.58
CA THR E 12 -5.65 -32.08 5.37
C THR E 12 -5.92 -32.43 3.93
N SER E 13 -6.51 -33.60 3.69
CA SER E 13 -6.91 -34.10 2.38
C SER E 13 -7.80 -35.33 2.53
N PRO E 14 -8.61 -35.58 1.53
CA PRO E 14 -9.52 -36.72 1.47
C PRO E 14 -8.96 -37.97 2.09
N GLY E 15 -9.72 -38.62 2.94
CA GLY E 15 -9.29 -39.85 3.58
C GLY E 15 -8.49 -39.68 4.84
N GLU E 16 -7.55 -38.73 4.89
CA GLU E 16 -6.75 -38.57 6.06
C GLU E 16 -7.59 -38.29 7.30
N THR E 17 -7.07 -38.78 8.40
CA THR E 17 -7.66 -38.54 9.72
C THR E 17 -7.22 -37.13 10.14
N VAL E 18 -7.94 -36.40 10.96
CA VAL E 18 -7.48 -35.11 11.39
C VAL E 18 -7.97 -35.00 12.86
N THR E 19 -7.07 -34.50 13.67
CA THR E 19 -7.43 -34.30 15.08
C THR E 19 -7.26 -32.80 15.32
N LEU E 20 -8.32 -32.24 15.89
CA LEU E 20 -8.31 -30.81 16.19
C LEU E 20 -8.55 -30.75 17.69
N THR E 21 -7.77 -29.95 18.40
CA THR E 21 -7.88 -29.80 19.83
C THR E 21 -8.43 -28.42 20.19
N CYS E 22 -8.93 -28.46 21.39
CA CYS E 22 -9.57 -27.51 22.29
C CYS E 22 -8.71 -27.62 23.53
N ARG E 23 -8.21 -26.51 24.01
CA ARG E 23 -7.37 -26.56 25.19
C ARG E 23 -7.87 -25.51 26.19
N SER E 24 -7.92 -26.05 27.39
CA SER E 24 -8.33 -25.32 28.60
C SER E 24 -7.07 -24.56 29.05
N SER E 25 -7.31 -23.52 29.80
CA SER E 25 -6.26 -22.66 30.33
C SER E 25 -6.06 -22.75 31.84
N THR E 26 -7.13 -22.57 32.58
CA THR E 26 -7.14 -22.61 34.03
C THR E 26 -6.62 -23.91 34.63
N GLY E 27 -6.79 -24.94 33.83
CA GLY E 27 -6.37 -26.29 34.20
C GLY E 27 -6.69 -27.19 33.01
N ALA E 28 -7.05 -28.42 33.29
CA ALA E 28 -7.41 -29.46 32.38
C ALA E 28 -8.87 -29.39 31.99
N VAL E 29 -9.21 -30.18 30.97
CA VAL E 29 -10.63 -30.18 30.61
C VAL E 29 -11.13 -31.55 31.13
N THR E 30 -11.93 -31.46 32.19
CA THR E 30 -12.51 -32.70 32.75
C THR E 30 -13.83 -32.76 32.01
N THR E 31 -14.77 -33.42 32.64
CA THR E 31 -16.08 -33.50 31.98
C THR E 31 -17.03 -32.55 32.65
N SER E 32 -16.72 -31.98 33.80
CA SER E 32 -17.56 -30.99 34.49
C SER E 32 -17.64 -29.71 33.67
N ASN E 33 -17.03 -29.67 32.50
CA ASN E 33 -16.99 -28.60 31.54
C ASN E 33 -17.60 -29.10 30.23
N TYR E 34 -17.77 -30.38 30.14
CA TYR E 34 -18.33 -31.16 29.02
C TYR E 34 -18.34 -30.30 27.76
N ALA E 35 -17.23 -30.42 27.07
CA ALA E 35 -16.82 -29.84 25.81
C ALA E 35 -17.90 -30.06 24.75
N ASN E 36 -18.03 -29.06 23.93
CA ASN E 36 -18.92 -28.91 22.81
C ASN E 36 -18.26 -28.51 21.50
N TRP E 37 -18.56 -29.21 20.42
CA TRP E 37 -18.00 -28.91 19.10
C TRP E 37 -19.04 -28.60 18.02
N VAL E 38 -19.04 -27.36 17.60
CA VAL E 38 -19.96 -26.83 16.60
C VAL E 38 -19.26 -26.45 15.31
N GLN E 39 -19.86 -26.61 14.15
CA GLN E 39 -19.25 -26.28 12.87
C GLN E 39 -19.88 -25.15 12.07
N GLU E 40 -18.97 -24.40 11.43
CA GLU E 40 -19.26 -23.26 10.60
C GLU E 40 -18.74 -23.37 9.17
N LYS E 41 -19.70 -23.40 8.29
CA LYS E 41 -19.59 -23.45 6.84
C LYS E 41 -20.16 -22.17 6.24
N PRO E 42 -19.74 -21.93 5.01
CA PRO E 42 -20.13 -20.79 4.19
C PRO E 42 -21.60 -20.46 4.22
N ASP E 43 -21.87 -19.25 4.64
CA ASP E 43 -23.15 -18.56 4.80
C ASP E 43 -23.57 -18.59 6.29
N HIS E 44 -22.56 -18.56 7.13
CA HIS E 44 -22.79 -18.56 8.57
C HIS E 44 -23.81 -19.61 9.02
N LEU E 45 -23.50 -20.84 8.67
CA LEU E 45 -24.30 -22.04 9.01
C LEU E 45 -23.69 -22.79 10.16
N PHE E 46 -24.26 -22.84 11.33
CA PHE E 46 -23.83 -23.50 12.55
C PHE E 46 -24.58 -24.79 12.89
N THR E 47 -23.77 -25.86 12.85
CA THR E 47 -24.27 -27.22 13.12
C THR E 47 -23.51 -27.92 14.20
N GLY E 48 -23.93 -27.78 15.44
CA GLY E 48 -23.26 -28.40 16.58
C GLY E 48 -23.25 -29.91 16.35
N LEU E 49 -22.07 -30.44 16.61
CA LEU E 49 -21.73 -31.83 16.42
C LEU E 49 -21.47 -32.74 17.61
N ILE E 50 -20.82 -32.16 18.57
CA ILE E 50 -20.44 -32.83 19.79
C ILE E 50 -20.96 -31.96 20.95
N GLY E 51 -21.23 -32.67 22.03
CA GLY E 51 -21.69 -32.05 23.28
C GLY E 51 -21.43 -33.04 24.39
N GLY E 52 -21.44 -32.52 25.62
CA GLY E 52 -21.21 -33.43 26.75
C GLY E 52 -19.99 -34.27 26.46
N THR E 53 -18.98 -33.65 25.87
CA THR E 53 -17.70 -34.25 25.51
C THR E 53 -17.67 -35.33 24.43
N ASN E 54 -18.56 -36.28 24.44
CA ASN E 54 -18.51 -37.35 23.42
C ASN E 54 -19.89 -37.69 22.92
N ASN E 55 -20.80 -36.78 23.23
CA ASN E 55 -22.18 -37.05 22.73
C ASN E 55 -22.16 -36.33 21.39
N ARG E 56 -22.64 -37.03 20.39
CA ARG E 56 -22.74 -36.63 19.00
C ARG E 56 -24.09 -36.30 18.41
N ALA E 57 -24.48 -35.05 18.52
CA ALA E 57 -25.68 -34.41 18.04
C ALA E 57 -26.27 -35.14 16.85
N PRO E 58 -27.50 -35.57 16.98
CA PRO E 58 -28.20 -36.33 15.92
C PRO E 58 -27.84 -35.93 14.53
N GLY E 59 -27.63 -36.87 13.62
CA GLY E 59 -27.28 -36.55 12.23
C GLY E 59 -25.82 -36.69 11.84
N VAL E 60 -24.97 -36.09 12.59
CA VAL E 60 -23.52 -35.98 12.51
C VAL E 60 -23.01 -37.34 12.08
N PRO E 61 -22.26 -37.35 10.98
CA PRO E 61 -21.71 -38.62 10.44
C PRO E 61 -20.75 -39.10 11.49
N ALA E 62 -20.76 -40.35 11.88
CA ALA E 62 -19.91 -40.86 12.93
C ALA E 62 -18.41 -40.63 12.82
N ARG E 63 -17.94 -39.97 11.77
CA ARG E 63 -16.53 -39.68 11.58
C ARG E 63 -16.13 -38.60 12.59
N PHE E 64 -17.13 -37.87 13.04
CA PHE E 64 -16.98 -36.75 13.99
C PHE E 64 -16.96 -37.37 15.38
N SER E 65 -15.88 -37.14 16.10
CA SER E 65 -15.83 -37.77 17.44
C SER E 65 -15.16 -36.98 18.54
N GLY E 66 -15.86 -36.97 19.65
CA GLY E 66 -15.42 -36.27 20.86
C GLY E 66 -14.57 -37.20 21.71
N SER E 67 -13.54 -36.58 22.26
CA SER E 67 -12.59 -37.21 23.14
C SER E 67 -12.08 -36.13 24.12
N LEU E 68 -11.34 -36.60 25.03
CA LEU E 68 -10.62 -35.88 26.08
C LEU E 68 -9.19 -36.39 25.87
N ILE E 69 -8.21 -35.56 25.59
CA ILE E 69 -6.82 -36.00 25.36
C ILE E 69 -5.90 -35.07 26.16
N GLY E 70 -5.04 -35.71 26.92
CA GLY E 70 -4.14 -34.92 27.78
C GLY E 70 -5.13 -34.11 28.64
N ASN E 71 -4.94 -32.82 28.58
CA ASN E 71 -5.83 -31.87 29.33
C ASN E 71 -6.56 -30.98 28.32
N LYS E 72 -6.87 -31.68 27.25
CA LYS E 72 -7.59 -31.13 26.11
C LYS E 72 -8.79 -31.98 25.77
N ALA E 73 -9.76 -31.35 25.17
CA ALA E 73 -10.98 -32.01 24.70
C ALA E 73 -10.78 -31.94 23.18
N ALA E 74 -11.00 -33.04 22.52
CA ALA E 74 -10.80 -33.14 21.08
C ALA E 74 -12.02 -33.59 20.30
N LEU E 75 -11.78 -33.44 19.01
CA LEU E 75 -12.61 -33.74 17.87
C LEU E 75 -11.73 -34.38 16.78
N THR E 76 -12.01 -35.61 16.41
CA THR E 76 -11.25 -36.32 15.39
C THR E 76 -12.13 -36.59 14.21
N ILE E 77 -11.62 -36.39 13.04
CA ILE E 77 -12.33 -36.66 11.78
C ILE E 77 -11.48 -37.79 11.19
N THR E 78 -12.01 -38.99 11.08
CA THR E 78 -11.21 -40.13 10.60
C THR E 78 -11.09 -40.38 9.12
N GLY E 79 -11.69 -39.52 8.31
CA GLY E 79 -11.59 -39.79 6.86
C GLY E 79 -12.07 -38.64 6.04
N ALA E 80 -11.82 -37.45 6.52
CA ALA E 80 -12.11 -36.14 6.00
C ALA E 80 -12.16 -36.08 4.48
N GLN E 81 -13.10 -35.31 3.98
CA GLN E 81 -13.27 -35.14 2.52
C GLN E 81 -13.59 -33.64 2.40
N THR E 82 -13.31 -32.99 1.34
CA THR E 82 -13.30 -31.58 0.91
C THR E 82 -14.54 -30.86 1.46
N GLU E 83 -15.59 -31.40 1.87
CA GLU E 83 -16.81 -30.76 2.35
C GLU E 83 -16.73 -30.44 3.82
N ASP E 84 -16.00 -31.26 4.54
CA ASP E 84 -15.77 -31.07 5.97
C ASP E 84 -14.87 -29.83 6.17
N GLU E 85 -14.36 -29.33 5.07
CA GLU E 85 -13.53 -28.13 4.98
C GLU E 85 -14.46 -27.01 5.46
N ALA E 86 -14.14 -26.33 6.53
CA ALA E 86 -14.95 -25.28 7.16
C ALA E 86 -14.23 -24.82 8.40
N ILE E 87 -14.89 -24.09 9.26
CA ILE E 87 -14.39 -23.61 10.54
C ILE E 87 -14.98 -24.46 11.68
N TYR E 88 -14.13 -24.94 12.56
CA TYR E 88 -14.56 -25.75 13.70
C TYR E 88 -14.36 -25.05 15.03
N PHE E 89 -15.42 -24.87 15.77
CA PHE E 89 -15.46 -24.23 17.08
C PHE E 89 -15.61 -25.25 18.22
N CYS E 90 -15.10 -24.86 19.38
CA CYS E 90 -15.21 -25.73 20.57
C CYS E 90 -15.69 -24.83 21.68
N ALA E 91 -16.43 -25.36 22.63
CA ALA E 91 -16.98 -24.59 23.77
C ALA E 91 -16.94 -25.34 25.08
N LEU E 92 -16.73 -24.63 26.18
CA LEU E 92 -16.65 -25.13 27.54
C LEU E 92 -17.51 -24.39 28.54
N TRP E 93 -17.66 -25.02 29.71
CA TRP E 93 -18.46 -24.48 30.84
C TRP E 93 -17.66 -24.37 32.12
N TYR E 94 -17.81 -23.19 32.72
CA TYR E 94 -17.15 -22.82 33.95
C TYR E 94 -18.08 -22.26 35.03
N SER E 95 -18.92 -23.16 35.48
CA SER E 95 -19.96 -23.11 36.49
C SER E 95 -20.93 -21.95 36.37
N ASN E 96 -20.53 -20.84 35.83
CA ASN E 96 -21.47 -19.73 35.71
C ASN E 96 -21.51 -19.44 34.22
N HIS E 97 -20.39 -19.66 33.57
CA HIS E 97 -20.38 -19.38 32.13
C HIS E 97 -19.55 -20.20 31.16
N TRP E 98 -20.05 -20.13 29.94
CA TRP E 98 -19.64 -20.72 28.70
C TRP E 98 -18.43 -19.92 28.18
N VAL E 99 -17.50 -20.69 27.73
CA VAL E 99 -16.23 -20.17 27.18
C VAL E 99 -16.15 -20.85 25.81
N PHE E 100 -15.85 -20.12 24.75
CA PHE E 100 -15.77 -20.58 23.36
C PHE E 100 -14.41 -20.37 22.70
N GLY E 101 -13.94 -21.31 21.93
CA GLY E 101 -12.68 -21.28 21.20
C GLY E 101 -12.69 -20.33 20.01
N GLY E 102 -11.50 -20.04 19.54
CA GLY E 102 -11.22 -19.16 18.41
C GLY E 102 -11.55 -19.76 17.06
N GLY E 103 -11.57 -21.08 16.98
CA GLY E 103 -11.87 -21.78 15.77
C GLY E 103 -10.62 -22.16 14.99
N THR E 104 -10.76 -23.32 14.35
CA THR E 104 -9.74 -23.91 13.52
C THR E 104 -10.31 -23.77 12.13
N LYS E 105 -9.52 -23.27 11.22
CA LYS E 105 -10.01 -23.17 9.85
C LYS E 105 -9.28 -24.34 9.17
N LEU E 106 -10.08 -25.35 8.87
CA LEU E 106 -9.56 -26.55 8.22
C LEU E 106 -9.71 -26.43 6.71
N THR E 107 -8.57 -26.65 6.08
CA THR E 107 -8.43 -26.64 4.62
C THR E 107 -8.24 -28.11 4.23
N VAL E 108 -9.12 -28.55 3.37
CA VAL E 108 -9.11 -29.91 2.83
C VAL E 108 -8.67 -29.67 1.37
N LEU E 109 -7.58 -30.28 1.02
CA LEU E 109 -7.26 -30.07 -0.40
C LEU E 109 -7.67 -31.41 -1.06
N GLN F 1 -37.14 -30.79 9.86
CA GLN F 1 -36.69 -31.24 11.19
C GLN F 1 -36.90 -30.05 12.13
N VAL F 2 -36.09 -29.83 13.11
CA VAL F 2 -36.22 -28.76 14.10
C VAL F 2 -35.87 -27.43 13.44
N GLN F 3 -36.55 -26.35 13.73
CA GLN F 3 -36.25 -25.05 13.10
C GLN F 3 -36.23 -23.95 14.15
N LEU F 4 -35.19 -23.14 14.05
CA LEU F 4 -34.99 -21.99 14.96
C LEU F 4 -34.80 -20.78 14.03
N GLN F 5 -35.85 -20.55 13.29
CA GLN F 5 -35.92 -19.45 12.31
C GLN F 5 -35.75 -18.13 13.07
N GLN F 6 -34.98 -17.22 12.50
CA GLN F 6 -34.63 -15.91 13.03
C GLN F 6 -34.68 -14.94 11.85
N PRO F 7 -35.03 -13.71 12.09
CA PRO F 7 -35.06 -12.72 11.00
C PRO F 7 -33.63 -12.47 10.57
N GLY F 8 -33.39 -12.03 9.36
CA GLY F 8 -32.08 -11.76 8.81
C GLY F 8 -31.30 -10.63 9.46
N ALA F 9 -31.95 -9.51 9.73
CA ALA F 9 -31.21 -8.39 10.34
C ALA F 9 -31.92 -7.25 11.03
N GLU F 10 -31.09 -6.48 11.75
CA GLU F 10 -31.54 -5.30 12.51
C GLU F 10 -30.62 -4.12 12.31
N LEU F 11 -31.14 -2.94 12.01
CA LEU F 11 -30.34 -1.73 11.76
C LEU F 11 -30.69 -0.52 12.56
N VAL F 12 -29.97 0.02 13.51
CA VAL F 12 -30.41 1.23 14.24
C VAL F 12 -29.33 1.70 15.19
N LYS F 13 -29.30 3.01 15.32
CA LYS F 13 -28.44 3.86 16.11
C LYS F 13 -28.12 3.47 17.54
N PRO F 14 -26.91 3.86 17.92
CA PRO F 14 -26.38 3.60 19.24
C PRO F 14 -27.31 3.98 20.39
N GLY F 15 -27.35 3.10 21.34
CA GLY F 15 -28.12 3.13 22.60
C GLY F 15 -29.59 3.15 22.21
N ALA F 16 -30.15 1.97 21.93
CA ALA F 16 -31.54 1.98 21.48
C ALA F 16 -32.28 0.66 21.46
N SER F 17 -32.06 -0.26 22.34
CA SER F 17 -32.63 -1.57 22.50
C SER F 17 -33.24 -2.35 21.35
N VAL F 18 -32.86 -3.64 21.35
CA VAL F 18 -33.33 -4.54 20.32
C VAL F 18 -33.95 -5.81 20.87
N LYS F 19 -35.09 -6.10 20.28
CA LYS F 19 -35.79 -7.34 20.68
C LYS F 19 -35.34 -8.25 19.52
N LEU F 20 -34.53 -9.20 19.89
CA LEU F 20 -34.01 -10.15 18.89
C LEU F 20 -34.93 -11.34 19.03
N SER F 21 -35.28 -12.05 17.97
CA SER F 21 -36.21 -13.18 18.03
C SER F 21 -35.82 -14.42 17.25
N CYS F 22 -36.19 -15.54 17.83
CA CYS F 22 -35.96 -16.89 17.33
C CYS F 22 -37.22 -17.70 17.59
N LYS F 23 -37.86 -18.04 16.51
CA LYS F 23 -39.08 -18.81 16.40
C LYS F 23 -38.69 -20.28 16.23
N ALA F 24 -38.96 -20.99 17.31
CA ALA F 24 -38.70 -22.42 17.45
C ALA F 24 -39.92 -23.29 17.18
N SER F 25 -39.68 -24.25 16.31
CA SER F 25 -40.67 -25.23 15.86
C SER F 25 -39.94 -26.53 15.57
N GLY F 26 -40.73 -27.56 15.33
CA GLY F 26 -40.35 -28.92 14.99
C GLY F 26 -39.80 -29.71 16.14
N TYR F 27 -39.90 -29.04 17.27
CA TYR F 27 -39.43 -29.57 18.54
C TYR F 27 -40.43 -29.00 19.55
N THR F 28 -40.16 -29.43 20.73
CA THR F 28 -40.87 -29.11 21.95
C THR F 28 -40.81 -27.61 22.12
N PHE F 29 -40.05 -27.24 23.09
CA PHE F 29 -39.71 -25.95 23.66
C PHE F 29 -39.52 -26.31 25.15
N THR F 30 -40.00 -27.48 25.47
CA THR F 30 -39.99 -28.07 26.80
C THR F 30 -38.76 -28.89 26.97
N SER F 31 -37.90 -28.32 27.75
CA SER F 31 -36.56 -28.88 28.03
C SER F 31 -35.75 -28.32 26.86
N TYR F 32 -34.54 -28.75 26.66
CA TYR F 32 -33.71 -28.32 25.52
C TYR F 32 -33.38 -26.87 25.79
N TRP F 33 -32.10 -26.76 26.17
CA TRP F 33 -31.70 -25.36 26.48
C TRP F 33 -31.34 -24.73 25.15
N MET F 34 -32.13 -23.72 24.88
CA MET F 34 -31.94 -22.91 23.66
C MET F 34 -30.83 -21.97 24.15
N HIS F 35 -29.77 -21.78 23.39
CA HIS F 35 -28.74 -20.84 23.90
C HIS F 35 -28.53 -19.78 22.82
N TRP F 36 -28.05 -18.65 23.24
CA TRP F 36 -27.78 -17.46 22.46
C TRP F 36 -26.34 -16.97 22.46
N VAL F 37 -25.77 -16.95 21.26
CA VAL F 37 -24.42 -16.57 20.90
C VAL F 37 -24.30 -15.44 19.87
N LYS F 38 -23.24 -14.71 20.12
CA LYS F 38 -22.67 -13.57 19.44
C LYS F 38 -21.42 -13.95 18.63
N GLN F 39 -21.30 -13.36 17.45
CA GLN F 39 -20.19 -13.55 16.51
C GLN F 39 -19.87 -12.24 15.81
N ARG F 40 -18.72 -11.71 16.12
CA ARG F 40 -18.11 -10.51 15.56
C ARG F 40 -17.22 -11.05 14.43
N PRO F 41 -17.23 -10.33 13.35
CA PRO F 41 -16.48 -10.67 12.13
C PRO F 41 -15.03 -10.98 12.37
N GLY F 42 -14.55 -12.01 11.71
CA GLY F 42 -13.17 -12.44 11.84
C GLY F 42 -12.84 -13.00 13.19
N ARG F 43 -13.66 -12.72 14.16
CA ARG F 43 -13.64 -13.18 15.54
C ARG F 43 -14.72 -14.30 15.41
N GLY F 44 -14.93 -15.02 16.45
CA GLY F 44 -15.88 -16.11 16.54
C GLY F 44 -16.81 -15.69 17.68
N LEU F 45 -17.18 -16.74 18.37
CA LEU F 45 -18.15 -16.77 19.45
C LEU F 45 -17.94 -16.28 20.84
N GLU F 46 -19.10 -15.89 21.37
CA GLU F 46 -19.31 -15.36 22.72
C GLU F 46 -20.73 -15.72 23.12
N TRP F 47 -20.88 -15.94 24.39
CA TRP F 47 -22.13 -16.30 25.08
C TRP F 47 -22.76 -15.03 25.66
N ILE F 48 -24.04 -14.90 25.47
CA ILE F 48 -24.68 -13.68 26.05
C ILE F 48 -25.29 -14.11 27.39
N GLY F 49 -25.88 -15.31 27.31
CA GLY F 49 -26.54 -15.92 28.42
C GLY F 49 -27.41 -17.10 27.98
N ARG F 50 -28.49 -17.32 28.71
CA ARG F 50 -29.42 -18.39 28.43
C ARG F 50 -30.81 -18.18 29.06
N ILE F 51 -31.76 -18.67 28.32
CA ILE F 51 -33.19 -18.66 28.54
C ILE F 51 -33.78 -19.98 29.02
N ASP F 52 -34.86 -19.87 29.79
CA ASP F 52 -35.61 -20.98 30.35
C ASP F 52 -36.98 -20.95 29.67
N PRO F 53 -37.27 -22.09 29.11
CA PRO F 53 -38.55 -22.22 28.42
C PRO F 53 -39.65 -22.62 29.36
N ASN F 54 -39.62 -23.85 29.80
CA ASN F 54 -40.59 -24.46 30.73
C ASN F 54 -40.24 -24.15 32.16
N SER F 55 -40.50 -22.93 32.56
CA SER F 55 -40.37 -22.31 33.87
C SER F 55 -39.14 -21.61 34.40
N GLY F 56 -39.12 -20.30 34.19
CA GLY F 56 -38.24 -19.22 34.48
C GLY F 56 -36.81 -19.39 34.88
N GLY F 57 -35.87 -18.97 34.04
CA GLY F 57 -34.45 -19.08 34.31
C GLY F 57 -33.51 -18.40 33.31
N THR F 58 -32.94 -17.29 33.74
CA THR F 58 -32.00 -16.50 32.95
C THR F 58 -30.67 -16.44 33.66
N LYS F 59 -29.65 -16.59 32.85
CA LYS F 59 -28.24 -16.54 33.29
C LYS F 59 -27.62 -15.68 32.19
N TYR F 60 -26.70 -14.84 32.55
CA TYR F 60 -26.09 -13.88 31.65
C TYR F 60 -24.60 -13.80 31.88
N ASN F 61 -23.88 -13.73 30.76
CA ASN F 61 -22.42 -13.63 30.75
C ASN F 61 -22.07 -12.30 31.44
N GLU F 62 -20.99 -12.41 32.16
CA GLU F 62 -20.44 -11.31 32.95
C GLU F 62 -20.61 -9.98 32.25
N LYS F 63 -20.08 -10.05 31.05
CA LYS F 63 -20.02 -9.03 30.03
C LYS F 63 -21.36 -8.38 29.77
N PHE F 64 -22.29 -9.29 29.64
CA PHE F 64 -23.68 -9.06 29.32
C PHE F 64 -24.65 -8.87 30.47
N LYS F 65 -24.49 -9.31 31.69
CA LYS F 65 -25.40 -9.15 32.81
C LYS F 65 -26.45 -8.08 32.59
N SER F 66 -25.97 -6.89 32.34
CA SER F 66 -26.73 -5.68 32.12
C SER F 66 -26.79 -5.16 30.70
N LYS F 67 -26.72 -6.04 29.75
CA LYS F 67 -26.72 -5.72 28.33
C LYS F 67 -28.00 -6.32 27.79
N ALA F 68 -28.08 -7.58 28.14
CA ALA F 68 -29.15 -8.49 27.77
C ALA F 68 -30.26 -8.55 28.81
N THR F 69 -31.11 -9.51 28.48
CA THR F 69 -32.27 -10.06 29.11
C THR F 69 -32.91 -10.96 28.05
N LEU F 70 -33.10 -12.20 28.42
CA LEU F 70 -33.75 -13.16 27.48
C LEU F 70 -35.22 -12.95 27.77
N THR F 71 -36.07 -13.93 27.65
CA THR F 71 -37.49 -13.90 27.92
C THR F 71 -38.18 -14.73 26.83
N VAL F 72 -38.80 -15.77 27.30
CA VAL F 72 -39.55 -16.79 26.62
C VAL F 72 -40.99 -16.32 26.39
N ASP F 73 -41.54 -17.12 25.53
CA ASP F 73 -42.89 -17.10 24.96
C ASP F 73 -43.30 -18.57 24.88
N LYS F 74 -44.20 -19.00 25.72
CA LYS F 74 -44.67 -20.39 25.78
C LYS F 74 -45.79 -20.83 24.88
N PRO F 75 -46.85 -20.05 24.87
CA PRO F 75 -48.01 -20.32 24.03
C PRO F 75 -47.63 -20.01 22.58
N SER F 76 -46.64 -19.15 22.51
CA SER F 76 -46.01 -18.58 21.33
C SER F 76 -44.82 -19.37 20.83
N SER F 77 -44.33 -20.21 21.68
CA SER F 77 -43.23 -21.15 21.50
C SER F 77 -42.06 -20.70 20.63
N THR F 78 -41.29 -19.78 21.16
CA THR F 78 -40.12 -19.16 20.53
C THR F 78 -39.38 -18.46 21.65
N ALA F 79 -38.07 -18.50 21.67
CA ALA F 79 -37.32 -17.76 22.73
C ALA F 79 -36.84 -16.42 22.23
N TYR F 80 -36.84 -15.34 22.98
CA TYR F 80 -36.43 -13.98 22.65
C TYR F 80 -35.22 -13.36 23.35
N MET F 81 -34.08 -13.21 22.67
CA MET F 81 -32.91 -12.58 23.31
C MET F 81 -33.14 -11.07 23.20
N GLN F 82 -33.27 -10.36 24.30
CA GLN F 82 -33.46 -8.90 24.24
C GLN F 82 -32.16 -8.24 24.73
N LEU F 83 -31.45 -7.65 23.81
CA LEU F 83 -30.20 -6.93 23.97
C LEU F 83 -30.78 -5.52 24.24
N SER F 84 -30.36 -4.94 25.33
CA SER F 84 -30.91 -3.61 25.68
C SER F 84 -30.08 -2.49 25.10
N SER F 85 -29.51 -1.62 25.91
CA SER F 85 -28.71 -0.49 25.46
C SER F 85 -27.45 -0.84 24.68
N LEU F 86 -27.64 -1.14 23.40
CA LEU F 86 -26.57 -1.53 22.48
C LEU F 86 -25.61 -0.43 22.04
N THR F 87 -24.41 -0.90 21.72
CA THR F 87 -23.34 0.00 21.26
C THR F 87 -22.72 -0.47 19.96
N SER F 88 -21.74 0.21 19.39
CA SER F 88 -21.07 -0.18 18.15
C SER F 88 -20.48 -1.60 18.28
N GLU F 89 -20.28 -1.96 19.49
CA GLU F 89 -19.77 -3.23 19.95
C GLU F 89 -20.81 -4.33 19.83
N ASP F 90 -22.06 -3.90 19.72
CA ASP F 90 -23.17 -4.86 19.57
C ASP F 90 -23.40 -5.18 18.09
N SER F 91 -22.50 -4.71 17.27
CA SER F 91 -22.59 -5.03 15.86
C SER F 91 -22.05 -6.44 15.72
N ALA F 92 -22.94 -7.40 15.44
CA ALA F 92 -22.57 -8.80 15.30
C ALA F 92 -23.77 -9.59 14.79
N VAL F 93 -23.54 -10.84 14.54
CA VAL F 93 -24.52 -11.84 14.12
C VAL F 93 -24.84 -12.65 15.39
N TYR F 94 -26.10 -12.64 15.78
CA TYR F 94 -26.54 -13.34 16.99
C TYR F 94 -27.33 -14.58 16.64
N TYR F 95 -26.95 -15.72 17.17
CA TYR F 95 -27.69 -16.96 16.84
C TYR F 95 -28.29 -17.55 18.12
N CYS F 96 -29.16 -18.51 17.87
CA CYS F 96 -29.88 -19.29 18.88
C CYS F 96 -29.53 -20.74 18.53
N ALA F 97 -29.24 -21.57 19.52
CA ALA F 97 -28.89 -22.97 19.25
C ALA F 97 -29.72 -23.87 20.19
N ARG F 98 -29.85 -25.11 19.85
CA ARG F 98 -30.63 -26.00 20.74
C ARG F 98 -29.72 -27.13 21.16
N TYR F 99 -29.79 -27.44 22.43
CA TYR F 99 -29.02 -28.46 23.09
C TYR F 99 -29.73 -29.18 24.24
N ASP F 100 -29.62 -30.48 24.12
CA ASP F 100 -30.09 -31.44 25.11
C ASP F 100 -29.55 -31.17 26.50
N TYR F 101 -30.07 -30.21 27.25
CA TYR F 101 -29.60 -29.89 28.61
C TYR F 101 -29.56 -31.20 29.40
N TYR F 102 -30.50 -32.06 29.14
CA TYR F 102 -30.75 -33.41 29.58
C TYR F 102 -30.80 -34.17 28.23
N GLY F 103 -30.44 -35.41 28.20
CA GLY F 103 -30.43 -36.25 26.99
C GLY F 103 -28.97 -36.56 26.70
N SER F 104 -28.67 -36.53 25.41
CA SER F 104 -27.30 -36.77 24.98
C SER F 104 -26.57 -35.44 24.80
N SER F 105 -26.81 -34.45 25.61
CA SER F 105 -26.12 -33.14 25.56
C SER F 105 -25.53 -32.74 24.23
N TYR F 106 -26.15 -31.99 23.34
CA TYR F 106 -25.54 -31.65 22.03
C TYR F 106 -26.14 -30.46 21.33
N PHE F 107 -25.37 -29.52 20.80
CA PHE F 107 -25.91 -28.32 20.12
C PHE F 107 -26.49 -28.80 18.80
N ASP F 108 -27.64 -29.45 18.85
CA ASP F 108 -28.22 -29.96 17.62
C ASP F 108 -28.42 -28.97 16.47
N TYR F 109 -29.22 -27.98 16.74
CA TYR F 109 -29.57 -27.02 15.69
C TYR F 109 -29.35 -25.59 16.07
N TRP F 110 -29.00 -24.76 15.09
CA TRP F 110 -28.78 -23.33 15.42
C TRP F 110 -29.57 -22.52 14.40
N GLY F 111 -29.94 -21.32 14.76
CA GLY F 111 -30.64 -20.43 13.82
C GLY F 111 -29.68 -20.12 12.67
N GLN F 112 -30.12 -19.23 11.79
CA GLN F 112 -29.34 -18.78 10.62
C GLN F 112 -28.47 -17.61 11.06
N GLY F 113 -28.89 -16.96 12.11
CA GLY F 113 -28.28 -15.79 12.75
C GLY F 113 -28.99 -14.53 12.31
N THR F 114 -29.03 -13.51 13.14
CA THR F 114 -29.60 -12.20 12.95
C THR F 114 -28.51 -11.15 13.10
N THR F 115 -28.20 -10.55 11.95
CA THR F 115 -27.17 -9.52 11.87
C THR F 115 -27.69 -8.17 12.34
N VAL F 116 -27.07 -7.67 13.39
CA VAL F 116 -27.33 -6.40 14.05
C VAL F 116 -26.18 -5.41 13.75
N THR F 117 -26.60 -4.38 13.09
CA THR F 117 -25.64 -3.30 12.72
C THR F 117 -26.17 -2.11 13.47
N VAL F 118 -25.48 -1.87 14.56
CA VAL F 118 -25.72 -0.80 15.52
C VAL F 118 -25.30 0.52 14.86
N SER F 119 -25.89 0.77 13.78
CA SER F 119 -26.15 1.55 12.66
C SER F 119 -25.03 2.43 12.12
N SER F 120 -25.11 2.42 10.82
CA SER F 120 -24.27 3.18 9.90
C SER F 120 -25.26 3.73 8.89
C1 NPC G . 20.04 17.77 -6.65
C1 NPC G . 20.48 17.17 -6.86
C2 NPC G . 19.62 18.59 -7.68
C2 NPC G . 19.92 18.01 -7.92
C3 NPC G . 18.88 19.74 -7.38
C3 NPC G . 19.11 19.30 -7.63
N3 NPC G . 18.50 20.56 -8.44
N3 NPC G . 18.62 20.09 -8.76
O3A NPC G . 18.65 20.16 -9.62
O3A NPC G . 18.69 19.67 -9.96
O3B NPC G . 18.00 21.68 -8.19
O3B NPC G . 18.14 21.19 -8.53
C4 NPC G . 18.56 20.04 -6.04
C4 NPC G . 18.95 19.65 -6.31
O4 NPC G . 17.79 21.19 -5.72
O4 NPC G . 18.28 20.81 -6.03
C5 NPC G . 18.98 19.22 -5.02
C5 NPC G . 19.60 18.78 -5.26
C6 NPC G . 19.73 18.07 -5.32
C6 NPC G . 20.36 17.59 -5.56
C7 NPC G . 20.77 16.56 -6.94
C7 NPC G . 21.12 15.86 -7.14
C8 NPC G . 20.11 15.24 -6.76
C8 NPC G . 20.25 14.71 -7.50
O8 NPC G . 19.22 15.05 -5.92
O8 NPC G . 20.30 14.28 -8.65
N9 NPC G . 20.49 14.28 -7.53
N9 NPC G . 19.39 14.27 -6.63
C10 NPC G . 20.98 13.09 -6.94
C10 NPC G . 19.10 12.90 -6.53
C11 NPC G . 20.53 11.88 -7.75
C11 NPC G . 19.72 12.35 -5.24
C12 NPC G . 19.64 10.90 -6.83
C12 NPC G . 18.56 11.76 -4.27
C13 NPC G . 19.59 9.45 -7.46
C13 NPC G . 18.53 12.56 -2.91
C14 NPC G . 20.43 8.53 -6.53
C14 NPC G . 17.23 13.41 -2.83
C15 NPC G . 20.80 8.91 -5.23
C15 NPC G . 16.05 12.41 -3.07
O15 NPC G . 21.27 10.03 -4.92
O15 NPC G . 16.12 11.28 -2.82
O16 NPC G . 20.68 8.08 -4.29
O16 NPC G . 14.97 12.99 -3.44
C1 NPC H . -2.64 -5.49 12.56
C2 NPC H . -3.03 -4.58 11.59
C3 NPC H . -3.83 -3.48 11.91
N3 NPC H . -4.11 -2.59 10.80
O3A NPC H . -3.77 -2.98 9.67
O3B NPC H . -4.46 -1.42 10.98
C4 NPC H . -4.22 -3.31 13.26
O4 NPC H . -4.97 -2.20 13.69
C5 NPC H . -3.83 -4.24 14.23
C6 NPC H . -3.03 -5.33 13.87
C7 NPC H . -1.85 -6.65 12.22
C8 NPC H . -2.58 -7.93 12.10
O8 NPC H . -2.86 -8.36 11.00
N9 NPC H . -3.00 -8.57 13.15
C10 NPC H . -2.37 -8.55 14.38
C11 NPC H . -3.07 -9.61 15.25
C12 NPC H . -4.69 -9.57 14.97
C13 NPC H . -5.21 -10.93 14.35
C14 NPC H . -6.69 -10.76 13.88
C15 NPC H . -7.10 -12.22 13.33
O15 NPC H . -6.67 -13.13 13.81
O16 NPC H . -7.70 -11.89 12.35
C1 NPC I . -25.32 -27.14 32.59
C2 NPC I . -25.64 -26.18 31.63
C3 NPC I . -25.98 -24.86 32.05
N3 NPC I . -26.27 -24.03 30.87
O3A NPC I . -26.63 -24.71 29.87
O3B NPC I . -26.17 -22.80 31.07
C4 NPC I . -26.02 -24.52 33.40
O4 NPC I . -26.34 -23.27 34.01
C5 NPC I . -25.69 -25.48 34.35
C6 NPC I . -25.34 -26.78 33.94
C7 NPC I . -24.99 -28.49 32.23
C8 NPC I . -24.88 -28.77 30.76
O8 NPC I . -25.47 -28.53 29.69
N9 NPC I . -23.78 -29.52 30.57
C10 NPC I . -23.07 -29.71 31.76
C11 NPC I . -22.17 -30.91 31.97
C12 NPC I . -22.36 -31.71 33.37
C13 NPC I . -20.98 -32.01 34.06
C14 NPC I . -21.03 -33.34 34.83
C15 NPC I . -19.79 -34.13 35.21
O15 NPC I . -19.50 -35.12 34.69
O16 NPC I . -19.09 -33.48 36.08
#